data_3TRU
#
_entry.id   3TRU
#
_cell.length_a   89.540
_cell.length_b   100.590
_cell.length_c   163.130
_cell.angle_alpha   90.00
_cell.angle_beta   90.00
_cell.angle_gamma   90.00
#
_symmetry.space_group_name_H-M   'I 2 2 2'
#
loop_
_entity.id
_entity.type
_entity.pdbx_description
1 polymer 'Peptidoglycan recognition protein 1'
2 non-polymer 'L(+)-TARTARIC ACID'
3 non-polymer GLYCEROL
4 non-polymer '(3R,4R)-3-[(1-carboxyethenyl)oxy]-4-hydroxycyclohexa-1,5-diene-1-carboxylic acid'
5 water water
#
_entity_poly.entity_id   1
_entity_poly.type   'polypeptide(L)'
_entity_poly.pdbx_seq_one_letter_code
;EDPPACGSIVPRREWRALASECRERLTRPVRYVVVSHTAGSHCDTPASCAQQAQNVQSYHVRNLGWCDVGYNFLIGEDGL
VYEGRGWNIKGAHAGPTWNPISIGISFMGNYMNRVPPPRALRAAQNLLACGVALGALRSNYEVKGHRDVQPTLSPGDRLY
EIIQTWSHYRA
;
_entity_poly.pdbx_strand_id   A,B,C,D
#
loop_
_chem_comp.id
_chem_comp.type
_chem_comp.name
_chem_comp.formula
GOL non-polymer GLYCEROL 'C3 H8 O3'
ISJ non-polymer '(3R,4R)-3-[(1-carboxyethenyl)oxy]-4-hydroxycyclohexa-1,5-diene-1-carboxylic acid' 'C10 H10 O6'
TLA non-polymer 'L(+)-TARTARIC ACID' 'C4 H6 O6'
#
# COMPACT_ATOMS: atom_id res chain seq x y z
N GLU A 1 4.34 -15.64 -16.58
CA GLU A 1 4.41 -14.74 -15.40
C GLU A 1 5.61 -13.76 -15.50
N ASP A 2 5.42 -12.56 -14.93
CA ASP A 2 6.37 -11.43 -15.00
C ASP A 2 7.39 -11.31 -13.83
N PRO A 3 8.70 -11.57 -14.11
CA PRO A 3 9.76 -11.44 -13.08
C PRO A 3 10.66 -10.17 -13.19
N PRO A 4 10.59 -9.27 -12.17
CA PRO A 4 11.56 -8.16 -12.05
C PRO A 4 12.94 -8.65 -11.59
N ALA A 5 13.84 -7.72 -11.32
CA ALA A 5 15.10 -8.02 -10.63
C ALA A 5 15.07 -7.41 -9.21
N CYS A 6 14.16 -7.91 -8.37
CA CYS A 6 13.83 -7.24 -7.11
C CYS A 6 14.60 -7.65 -5.86
N GLY A 7 15.05 -6.62 -5.14
CA GLY A 7 15.68 -6.78 -3.84
C GLY A 7 17.17 -7.04 -3.89
N SER A 8 17.79 -6.89 -2.74
CA SER A 8 19.14 -7.31 -2.57
C SER A 8 19.17 -8.15 -1.31
N ILE A 9 18.86 -9.43 -1.50
CA ILE A 9 18.89 -10.36 -0.40
C ILE A 9 20.18 -11.17 -0.44
N VAL A 10 20.76 -11.37 0.75
CA VAL A 10 21.92 -12.21 0.94
C VAL A 10 21.48 -13.67 0.98
N PRO A 11 21.79 -14.46 -0.08
CA PRO A 11 21.31 -15.84 -0.13
C PRO A 11 21.89 -16.71 0.97
N ARG A 12 21.22 -17.82 1.27
CA ARG A 12 21.61 -18.70 2.38
C ARG A 12 23.10 -19.00 2.39
N ARG A 13 23.58 -19.49 1.25
CA ARG A 13 24.99 -19.83 1.08
C ARG A 13 25.88 -18.77 1.67
N GLU A 14 25.60 -17.52 1.35
CA GLU A 14 26.49 -16.42 1.68
C GLU A 14 26.66 -16.22 3.19
N TRP A 15 25.57 -16.32 3.95
CA TRP A 15 25.71 -16.26 5.40
C TRP A 15 25.99 -17.63 6.02
N ARG A 16 26.19 -18.63 5.15
CA ARG A 16 26.71 -19.99 5.47
C ARG A 16 25.65 -20.82 6.14
N ALA A 17 24.42 -20.56 5.74
CA ALA A 17 23.26 -21.24 6.32
C ALA A 17 23.30 -22.69 5.95
N LEU A 18 22.76 -23.51 6.84
CA LEU A 18 22.68 -24.93 6.61
C LEU A 18 21.65 -25.21 5.53
N ALA A 19 21.56 -26.47 5.11
CA ALA A 19 20.46 -26.92 4.25
C ALA A 19 19.13 -26.91 5.02
N SER A 20 18.07 -26.48 4.34
CA SER A 20 16.75 -26.52 4.93
C SER A 20 16.15 -27.90 4.72
N GLU A 21 15.43 -28.39 5.70
CA GLU A 21 14.65 -29.59 5.50
C GLU A 21 13.19 -29.21 5.31
N CYS A 22 12.87 -27.96 5.59
CA CYS A 22 11.52 -27.41 5.44
C CYS A 22 10.94 -27.76 4.09
N ARG A 23 9.69 -28.24 4.08
CA ARG A 23 9.05 -28.61 2.82
C ARG A 23 7.67 -28.00 2.55
N GLU A 24 6.97 -27.47 3.56
CA GLU A 24 5.62 -26.94 3.29
C GLU A 24 5.50 -25.50 2.78
N ARG A 25 4.81 -25.37 1.64
CA ARG A 25 4.60 -24.09 0.93
C ARG A 25 3.48 -23.21 1.51
N LEU A 26 3.52 -21.92 1.19
CA LEU A 26 2.42 -20.99 1.51
C LEU A 26 1.64 -20.81 0.22
N THR A 27 0.41 -20.31 0.30
CA THR A 27 -0.33 -20.00 -0.91
C THR A 27 0.09 -18.61 -1.40
N ARG A 28 0.39 -18.50 -2.68
CA ARG A 28 0.49 -17.18 -3.28
C ARG A 28 -0.91 -16.63 -3.46
N PRO A 29 -1.12 -15.35 -3.10
CA PRO A 29 -0.17 -14.49 -2.41
C PRO A 29 -0.54 -14.34 -0.96
N VAL A 30 0.47 -14.16 -0.11
CA VAL A 30 0.30 -14.05 1.33
C VAL A 30 -0.28 -12.68 1.69
N ARG A 31 -1.29 -12.68 2.56
CA ARG A 31 -1.97 -11.47 2.93
C ARG A 31 -1.28 -10.75 4.09
N TYR A 32 -0.54 -11.48 4.93
CA TYR A 32 0.01 -10.90 6.16
C TYR A 32 1.52 -10.98 6.28
N VAL A 33 2.10 -9.91 6.85
CA VAL A 33 3.51 -9.90 7.23
C VAL A 33 3.60 -9.58 8.69
N VAL A 34 4.32 -10.43 9.41
CA VAL A 34 4.45 -10.29 10.83
C VAL A 34 5.88 -9.97 11.18
N VAL A 35 6.04 -8.84 11.84
CA VAL A 35 7.34 -8.22 12.13
C VAL A 35 7.74 -8.52 13.59
N SER A 36 8.96 -9.02 13.73
CA SER A 36 9.47 -9.52 14.99
C SER A 36 10.90 -9.05 15.24
N HIS A 37 11.41 -9.31 16.43
CA HIS A 37 12.85 -9.35 16.60
C HIS A 37 13.39 -10.65 17.19
N THR A 38 14.70 -10.80 17.15
CA THR A 38 15.38 -11.97 17.68
C THR A 38 15.70 -11.84 19.18
N ALA A 39 15.53 -10.64 19.72
CA ALA A 39 15.87 -10.31 21.13
C ALA A 39 17.27 -10.77 21.57
N GLY A 40 18.18 -10.89 20.62
CA GLY A 40 19.55 -11.30 20.89
C GLY A 40 20.57 -10.29 20.38
N SER A 41 21.83 -10.72 20.26
CA SER A 41 22.94 -9.82 19.94
C SER A 41 22.63 -9.08 18.67
N HIS A 42 22.88 -7.77 18.64
CA HIS A 42 22.69 -7.00 17.41
C HIS A 42 24.01 -6.89 16.60
N CYS A 43 24.00 -7.39 15.36
CA CYS A 43 25.13 -7.20 14.43
C CYS A 43 24.97 -5.87 13.71
N ASP A 44 26.06 -5.30 13.19
CA ASP A 44 25.94 -4.07 12.39
C ASP A 44 26.92 -3.98 11.20
N THR A 45 27.75 -5.00 11.07
CA THR A 45 28.58 -5.14 9.90
C THR A 45 28.08 -6.34 9.11
N PRO A 46 28.21 -6.29 7.77
CA PRO A 46 27.82 -7.39 6.89
C PRO A 46 28.40 -8.73 7.31
N ALA A 47 29.58 -8.67 7.93
CA ALA A 47 30.30 -9.84 8.39
C ALA A 47 29.68 -10.34 9.67
N SER A 48 29.55 -9.46 10.65
CA SER A 48 29.05 -9.83 11.97
C SER A 48 27.59 -10.19 11.90
N CYS A 49 26.91 -9.64 10.90
CA CYS A 49 25.50 -9.91 10.63
C CYS A 49 25.27 -11.29 10.06
N ALA A 50 26.12 -11.67 9.10
CA ALA A 50 26.07 -12.99 8.49
C ALA A 50 26.13 -14.00 9.62
N GLN A 51 27.00 -13.72 10.59
CA GLN A 51 27.13 -14.53 11.79
C GLN A 51 25.83 -14.57 12.53
N GLN A 52 25.35 -13.38 12.89
CA GLN A 52 24.16 -13.26 13.68
C GLN A 52 23.08 -14.13 13.12
N ALA A 53 22.92 -14.10 11.79
CA ALA A 53 21.89 -14.89 11.12
C ALA A 53 22.16 -16.35 11.38
N GLN A 54 23.38 -16.77 11.10
CA GLN A 54 23.79 -18.15 11.26
C GLN A 54 23.61 -18.63 12.72
N ASN A 55 23.97 -17.76 13.65
CA ASN A 55 23.67 -17.94 15.07
C ASN A 55 22.19 -18.18 15.32
N VAL A 56 21.31 -17.45 14.64
CA VAL A 56 19.89 -17.59 14.89
C VAL A 56 19.38 -18.88 14.29
N GLN A 57 19.63 -19.09 12.98
CA GLN A 57 19.22 -20.33 12.32
C GLN A 57 19.66 -21.49 13.18
N SER A 58 20.87 -21.37 13.71
CA SER A 58 21.42 -22.45 14.51
C SER A 58 20.54 -22.78 15.70
N TYR A 59 20.34 -21.82 16.58
CA TYR A 59 19.50 -22.01 17.75
C TYR A 59 18.10 -22.56 17.38
N HIS A 60 17.65 -22.29 16.15
CA HIS A 60 16.36 -22.79 15.69
C HIS A 60 16.45 -24.23 15.24
N VAL A 61 17.59 -24.62 14.67
CA VAL A 61 17.76 -25.98 14.15
C VAL A 61 18.20 -26.96 15.25
N ARG A 62 19.34 -26.70 15.87
CA ARG A 62 19.91 -27.68 16.80
C ARG A 62 19.26 -27.63 18.17
N ASN A 63 18.49 -26.58 18.45
CA ASN A 63 17.88 -26.43 19.76
C ASN A 63 16.37 -26.57 19.81
N LEU A 64 15.68 -26.03 18.81
CA LEU A 64 14.24 -26.16 18.77
C LEU A 64 13.86 -27.22 17.74
N GLY A 65 14.86 -27.77 17.07
CA GLY A 65 14.67 -28.84 16.12
C GLY A 65 13.75 -28.44 14.99
N TRP A 66 13.82 -27.19 14.56
CA TRP A 66 13.02 -26.82 13.42
C TRP A 66 13.78 -27.08 12.13
N CYS A 67 13.03 -27.13 11.03
CA CYS A 67 13.53 -27.55 9.73
C CYS A 67 14.46 -26.51 9.15
N ASP A 68 14.46 -25.32 9.74
CA ASP A 68 15.25 -24.20 9.27
C ASP A 68 15.32 -23.09 10.31
N VAL A 69 15.87 -21.96 9.89
CA VAL A 69 15.62 -20.70 10.59
C VAL A 69 14.11 -20.45 10.64
N GLY A 70 13.62 -19.91 11.75
CA GLY A 70 12.20 -19.70 11.89
C GLY A 70 11.60 -18.68 10.95
N TYR A 71 12.37 -17.64 10.66
CA TYR A 71 11.88 -16.50 9.90
C TYR A 71 12.01 -16.67 8.39
N ASN A 72 11.11 -16.04 7.62
CA ASN A 72 11.20 -16.09 6.17
C ASN A 72 12.37 -15.24 5.70
N PHE A 73 12.52 -14.09 6.34
CA PHE A 73 13.68 -13.25 6.14
C PHE A 73 14.20 -12.71 7.48
N LEU A 74 15.47 -12.32 7.52
CA LEU A 74 16.04 -11.57 8.64
C LEU A 74 16.56 -10.24 8.14
N ILE A 75 16.87 -9.33 9.06
CA ILE A 75 17.18 -7.97 8.66
C ILE A 75 18.27 -7.40 9.50
N GLY A 76 19.36 -7.02 8.84
CA GLY A 76 20.57 -6.52 9.52
C GLY A 76 20.53 -5.03 9.79
N GLU A 77 21.13 -4.60 10.90
CA GLU A 77 21.35 -3.18 11.18
C GLU A 77 22.47 -2.74 10.25
N ASP A 78 23.09 -3.73 9.61
CA ASP A 78 24.01 -3.51 8.51
C ASP A 78 23.26 -2.98 7.30
N GLY A 79 21.94 -3.09 7.39
CA GLY A 79 21.02 -2.66 6.35
C GLY A 79 20.84 -3.61 5.19
N LEU A 80 20.87 -4.92 5.47
CA LEU A 80 20.73 -5.92 4.41
C LEU A 80 19.70 -6.92 4.77
N VAL A 81 19.07 -7.48 3.76
CA VAL A 81 18.11 -8.53 4.01
C VAL A 81 18.77 -9.89 3.96
N TYR A 82 18.50 -10.68 4.98
CA TYR A 82 19.01 -12.02 5.05
C TYR A 82 17.92 -13.01 4.69
N GLU A 83 18.22 -13.83 3.69
CA GLU A 83 17.29 -14.85 3.26
C GLU A 83 17.19 -15.96 4.28
N GLY A 84 15.96 -16.17 4.75
CA GLY A 84 15.65 -17.29 5.63
C GLY A 84 14.96 -18.39 4.85
N ARG A 85 13.70 -18.62 5.20
CA ARG A 85 12.92 -19.59 4.48
C ARG A 85 12.49 -19.06 3.10
N GLY A 86 12.35 -17.75 2.93
CA GLY A 86 12.09 -17.20 1.61
C GLY A 86 10.62 -16.90 1.40
N TRP A 87 10.25 -16.56 0.18
CA TRP A 87 8.86 -16.20 -0.12
C TRP A 87 7.92 -17.40 -0.20
N ASN A 88 8.43 -18.58 -0.53
CA ASN A 88 7.56 -19.69 -0.85
C ASN A 88 7.24 -20.70 0.26
N ILE A 89 8.15 -20.87 1.22
CA ILE A 89 8.06 -21.89 2.31
C ILE A 89 7.55 -21.31 3.65
N LYS A 90 7.01 -22.16 4.51
CA LYS A 90 6.37 -21.73 5.77
C LYS A 90 7.33 -21.42 6.93
N GLY A 91 7.12 -20.30 7.60
CA GLY A 91 7.95 -19.91 8.71
C GLY A 91 7.51 -20.55 10.01
N ALA A 92 8.38 -20.50 11.01
CA ALA A 92 8.05 -21.02 12.31
C ALA A 92 8.27 -19.87 13.27
N HIS A 93 7.38 -18.88 13.23
CA HIS A 93 7.67 -17.61 13.87
C HIS A 93 6.52 -17.01 14.65
N ALA A 94 5.30 -17.52 14.48
CA ALA A 94 4.16 -16.84 15.11
C ALA A 94 2.91 -17.66 15.45
N GLY A 95 3.08 -18.89 15.91
CA GLY A 95 1.91 -19.66 16.29
C GLY A 95 1.16 -20.23 15.10
N PRO A 96 0.44 -21.35 15.31
CA PRO A 96 -0.02 -22.11 14.14
C PRO A 96 -1.30 -21.55 13.50
N THR A 97 -1.92 -20.56 14.13
CA THR A 97 -2.97 -19.80 13.47
C THR A 97 -2.32 -18.93 12.40
N TRP A 98 -1.12 -18.41 12.72
CA TRP A 98 -0.48 -17.38 11.89
C TRP A 98 0.62 -17.85 10.90
N ASN A 99 1.42 -18.85 11.29
CA ASN A 99 2.48 -19.37 10.43
C ASN A 99 2.02 -19.76 9.01
N PRO A 100 0.80 -20.36 8.88
CA PRO A 100 0.37 -20.85 7.54
C PRO A 100 -0.03 -19.78 6.56
N ILE A 101 -0.09 -18.53 7.00
CA ILE A 101 -0.72 -17.46 6.23
C ILE A 101 0.05 -16.14 6.27
N SER A 102 1.29 -16.17 6.75
CA SER A 102 2.03 -14.94 6.91
C SER A 102 3.47 -15.03 6.44
N ILE A 103 4.13 -13.88 6.43
CA ILE A 103 5.56 -13.83 6.24
C ILE A 103 6.07 -13.24 7.51
N GLY A 104 7.00 -13.94 8.13
CA GLY A 104 7.65 -13.41 9.31
C GLY A 104 8.97 -12.85 8.83
N ILE A 105 9.20 -11.59 9.17
CA ILE A 105 10.50 -10.99 9.01
C ILE A 105 10.90 -10.51 10.39
N SER A 106 12.19 -10.57 10.68
CA SER A 106 12.64 -10.42 12.03
C SER A 106 13.87 -9.58 12.04
N PHE A 107 13.78 -8.39 12.64
CA PHE A 107 14.98 -7.57 12.82
C PHE A 107 15.96 -8.26 13.81
N MET A 108 17.26 -8.23 13.53
CA MET A 108 18.22 -8.99 14.33
C MET A 108 18.72 -8.24 15.56
N GLY A 109 17.88 -8.17 16.61
CA GLY A 109 18.30 -7.61 17.89
C GLY A 109 17.24 -7.44 18.97
N ASN A 110 17.54 -6.56 19.92
CA ASN A 110 16.61 -6.25 21.01
C ASN A 110 16.13 -4.79 21.00
N TYR A 111 14.93 -4.59 20.45
CA TYR A 111 14.41 -3.25 20.24
C TYR A 111 13.39 -2.82 21.30
N MET A 112 13.76 -3.07 22.55
CA MET A 112 12.98 -2.67 23.70
C MET A 112 13.30 -1.22 24.05
N ASN A 113 14.59 -0.92 24.08
CA ASN A 113 15.05 0.43 24.38
C ASN A 113 16.03 0.92 23.31
N ARG A 114 15.87 0.41 22.08
CA ARG A 114 16.67 0.82 20.94
C ARG A 114 15.83 0.86 19.68
N VAL A 115 16.20 1.74 18.77
CA VAL A 115 15.59 1.76 17.45
C VAL A 115 16.50 1.03 16.46
N PRO A 116 15.91 0.36 15.47
CA PRO A 116 16.80 -0.11 14.43
C PRO A 116 17.28 1.10 13.64
N PRO A 117 18.45 0.99 12.99
CA PRO A 117 18.90 2.10 12.17
C PRO A 117 17.95 2.35 11.02
N PRO A 118 17.91 3.60 10.51
CA PRO A 118 17.14 3.88 9.31
C PRO A 118 17.42 2.91 8.18
N ARG A 119 18.65 2.41 8.08
CA ARG A 119 18.96 1.53 6.96
C ARG A 119 18.26 0.18 7.01
N ALA A 120 18.02 -0.31 8.23
CA ALA A 120 17.30 -1.56 8.45
C ALA A 120 15.80 -1.42 8.11
N LEU A 121 15.26 -0.22 8.30
CA LEU A 121 13.85 0.03 8.10
C LEU A 121 13.60 0.11 6.65
N ARG A 122 14.61 0.54 5.92
CA ARG A 122 14.49 0.65 4.48
C ARG A 122 14.57 -0.75 3.90
N ALA A 123 15.53 -1.52 4.37
CA ALA A 123 15.68 -2.89 3.91
C ALA A 123 14.33 -3.60 3.98
N ALA A 124 13.79 -3.70 5.19
CA ALA A 124 12.48 -4.24 5.45
C ALA A 124 11.46 -3.68 4.48
N GLN A 125 11.22 -2.38 4.58
CA GLN A 125 10.17 -1.77 3.78
C GLN A 125 10.36 -2.18 2.32
N ASN A 126 11.59 -2.12 1.84
CA ASN A 126 11.89 -2.39 0.46
C ASN A 126 11.70 -3.85 0.12
N LEU A 127 12.20 -4.71 0.99
CA LEU A 127 11.96 -6.14 0.89
C LEU A 127 10.48 -6.44 0.72
N LEU A 128 9.62 -5.78 1.50
CA LEU A 128 8.17 -5.97 1.37
C LEU A 128 7.71 -5.52 0.01
N ALA A 129 8.00 -4.26 -0.29
CA ALA A 129 7.67 -3.67 -1.57
C ALA A 129 7.95 -4.70 -2.66
N CYS A 130 9.08 -5.41 -2.55
CA CYS A 130 9.42 -6.44 -3.52
C CYS A 130 8.36 -7.51 -3.52
N GLY A 131 8.21 -8.22 -2.42
CA GLY A 131 7.23 -9.27 -2.36
C GLY A 131 5.99 -8.95 -3.17
N VAL A 132 5.45 -7.76 -2.96
CA VAL A 132 4.26 -7.35 -3.67
C VAL A 132 4.49 -7.45 -5.18
N ALA A 133 5.53 -6.75 -5.64
CA ALA A 133 5.99 -6.75 -7.05
C ALA A 133 6.18 -8.15 -7.64
N LEU A 134 6.85 -9.03 -6.91
CA LEU A 134 6.96 -10.44 -7.27
C LEU A 134 5.63 -11.19 -7.24
N GLY A 135 4.64 -10.63 -6.56
CA GLY A 135 3.34 -11.29 -6.37
C GLY A 135 3.35 -12.35 -5.27
N ALA A 136 4.43 -12.36 -4.49
CA ALA A 136 4.51 -13.16 -3.27
C ALA A 136 3.56 -12.60 -2.21
N LEU A 137 3.49 -11.27 -2.16
CA LEU A 137 2.52 -10.59 -1.32
C LEU A 137 1.31 -10.08 -2.09
N ARG A 138 0.19 -9.99 -1.39
CA ARG A 138 -0.92 -9.18 -1.84
C ARG A 138 -0.44 -7.73 -1.82
N SER A 139 -0.93 -6.93 -2.76
CA SER A 139 -0.62 -5.50 -2.73
C SER A 139 -1.23 -4.84 -1.49
N ASN A 140 -2.41 -5.29 -1.10
CA ASN A 140 -3.05 -4.75 0.07
C ASN A 140 -2.65 -5.52 1.33
N TYR A 141 -1.48 -6.13 1.29
CA TYR A 141 -0.98 -6.90 2.40
C TYR A 141 -1.07 -6.10 3.70
N GLU A 142 -1.04 -6.81 4.82
CA GLU A 142 -1.19 -6.19 6.12
C GLU A 142 -0.07 -6.63 7.01
N VAL A 143 0.57 -5.64 7.63
CA VAL A 143 1.69 -5.86 8.55
C VAL A 143 1.18 -5.87 9.96
N LYS A 144 1.62 -6.83 10.74
CA LYS A 144 1.31 -6.86 12.16
C LYS A 144 2.62 -7.03 12.89
N GLY A 145 2.67 -6.57 14.12
CA GLY A 145 3.84 -6.89 14.97
C GLY A 145 3.64 -8.23 15.65
N HIS A 146 4.73 -8.93 15.99
CA HIS A 146 4.64 -10.22 16.67
C HIS A 146 3.61 -10.21 17.81
N ARG A 147 3.71 -9.20 18.66
CA ARG A 147 2.85 -9.08 19.83
C ARG A 147 1.38 -8.87 19.50
N ASP A 148 1.05 -8.59 18.24
CA ASP A 148 -0.34 -8.45 17.83
C ASP A 148 -0.97 -9.83 17.74
N VAL A 149 -0.17 -10.83 17.43
CA VAL A 149 -0.71 -12.14 17.10
C VAL A 149 -0.23 -13.26 18.04
N GLN A 150 0.61 -12.89 18.99
CA GLN A 150 1.04 -13.80 20.07
C GLN A 150 1.15 -13.00 21.35
N PRO A 151 1.37 -13.66 22.50
CA PRO A 151 1.61 -12.87 23.68
C PRO A 151 3.12 -12.70 23.84
N THR A 152 3.63 -11.58 23.35
CA THR A 152 5.07 -11.30 23.45
C THR A 152 5.39 -9.82 23.42
N LEU A 153 6.70 -9.57 23.59
CA LEU A 153 7.32 -8.24 23.54
C LEU A 153 7.91 -7.97 22.15
N SER A 154 8.18 -9.03 21.40
CA SER A 154 8.55 -8.90 20.01
C SER A 154 7.50 -8.07 19.27
N PRO A 155 7.93 -7.20 18.33
CA PRO A 155 9.27 -6.98 17.83
C PRO A 155 10.02 -5.93 18.65
N GLY A 156 9.88 -5.98 19.96
CA GLY A 156 10.48 -4.98 20.82
C GLY A 156 9.59 -3.77 20.86
N ASP A 157 9.65 -3.07 21.99
CA ASP A 157 8.78 -1.94 22.25
C ASP A 157 9.01 -0.73 21.36
N ARG A 158 10.27 -0.44 21.08
CA ARG A 158 10.63 0.75 20.33
C ARG A 158 10.37 0.54 18.84
N LEU A 159 10.74 -0.64 18.33
CA LEU A 159 10.48 -1.00 16.95
C LEU A 159 8.98 -1.07 16.68
N TYR A 160 8.23 -1.55 17.67
CA TYR A 160 6.77 -1.63 17.59
C TYR A 160 6.10 -0.32 17.34
N GLU A 161 6.61 0.73 17.98
CA GLU A 161 6.09 2.09 17.78
C GLU A 161 6.28 2.47 16.32
N ILE A 162 7.52 2.33 15.86
CA ILE A 162 7.91 2.57 14.46
C ILE A 162 7.03 1.86 13.42
N ILE A 163 6.76 0.57 13.59
CA ILE A 163 5.96 -0.19 12.64
C ILE A 163 4.51 0.27 12.60
N GLN A 164 4.04 0.86 13.70
CA GLN A 164 2.64 1.28 13.74
C GLN A 164 2.42 2.34 12.68
N THR A 165 3.46 3.13 12.46
CA THR A 165 3.42 4.25 11.53
C THR A 165 3.34 3.81 10.08
N TRP A 166 3.41 2.51 9.81
CA TRP A 166 3.60 2.04 8.45
C TRP A 166 2.29 1.96 7.65
N SER A 167 2.34 2.45 6.40
CA SER A 167 1.23 2.38 5.45
C SER A 167 0.31 1.17 5.60
N HIS A 168 0.93 -0.01 5.67
CA HIS A 168 0.21 -1.26 5.56
C HIS A 168 0.00 -1.90 6.93
N TYR A 169 0.11 -1.10 8.00
CA TYR A 169 -0.01 -1.65 9.35
C TYR A 169 -1.45 -1.76 9.88
N ARG A 170 -1.93 -2.99 10.06
CA ARG A 170 -3.29 -3.21 10.58
C ARG A 170 -3.30 -3.83 11.99
N ALA A 171 -3.93 -3.09 12.90
CA ALA A 171 -3.84 -3.32 14.36
C ALA A 171 -4.59 -4.56 14.87
N GLU B 1 7.61 10.78 5.28
CA GLU B 1 7.85 11.71 4.13
C GLU B 1 8.01 10.91 2.81
N ASP B 2 8.12 9.58 2.94
CA ASP B 2 7.95 8.61 1.84
C ASP B 2 7.84 7.17 2.41
N PRO B 3 7.04 6.28 1.76
CA PRO B 3 7.31 4.84 1.93
C PRO B 3 8.69 4.48 1.31
N PRO B 4 9.74 4.34 2.17
CA PRO B 4 11.16 4.46 1.77
C PRO B 4 11.79 3.17 1.24
N ALA B 5 11.80 2.99 -0.09
CA ALA B 5 12.18 1.69 -0.66
C ALA B 5 13.27 1.58 -1.73
N CYS B 6 12.93 2.05 -2.94
CA CYS B 6 13.62 1.74 -4.20
C CYS B 6 15.10 1.48 -4.04
N GLY B 7 15.53 0.27 -4.37
CA GLY B 7 16.94 -0.12 -4.27
C GLY B 7 17.65 0.21 -2.96
N SER B 8 16.87 0.43 -1.89
CA SER B 8 17.38 0.67 -0.53
C SER B 8 18.58 1.61 -0.46
N ILE B 9 18.47 2.77 -1.09
CA ILE B 9 19.59 3.70 -1.20
C ILE B 9 19.79 4.51 0.06
N VAL B 10 21.05 4.78 0.41
CA VAL B 10 21.39 5.66 1.51
C VAL B 10 21.17 7.08 1.04
N PRO B 11 20.46 7.89 1.84
CA PRO B 11 20.21 9.22 1.30
C PRO B 11 21.36 10.16 1.63
N ARG B 12 21.48 11.23 0.85
CA ARG B 12 22.56 12.21 1.00
C ARG B 12 22.91 12.53 2.42
N ARG B 13 21.91 13.02 3.15
CA ARG B 13 22.12 13.62 4.44
C ARG B 13 22.51 12.53 5.42
N GLU B 14 22.20 11.27 5.10
CA GLU B 14 22.58 10.16 5.97
C GLU B 14 24.10 9.92 6.04
N TRP B 15 24.84 10.19 4.96
CA TRP B 15 26.31 10.12 5.01
C TRP B 15 27.00 11.46 5.30
N ARG B 16 26.21 12.41 5.78
CA ARG B 16 26.66 13.76 6.18
C ARG B 16 27.13 14.65 5.01
N ALA B 17 26.51 14.44 3.86
CA ALA B 17 26.93 15.09 2.63
C ALA B 17 26.59 16.56 2.68
N LEU B 18 27.58 17.36 2.30
CA LEU B 18 27.41 18.78 2.02
C LEU B 18 26.42 18.89 0.87
N ALA B 19 25.47 19.83 0.98
CA ALA B 19 24.38 19.98 -0.02
C ALA B 19 24.93 20.14 -1.43
N SER B 20 24.24 19.57 -2.41
CA SER B 20 24.64 19.75 -3.81
C SER B 20 24.56 21.24 -4.09
N GLU B 21 25.17 21.68 -5.17
CA GLU B 21 24.94 23.01 -5.68
C GLU B 21 24.69 22.86 -7.17
N CYS B 22 24.40 21.62 -7.59
CA CYS B 22 24.28 21.26 -9.00
C CYS B 22 22.89 21.53 -9.55
N ARG B 23 22.80 21.75 -10.85
CA ARG B 23 21.58 22.28 -11.44
C ARG B 23 21.22 21.64 -12.78
N GLU B 24 22.23 21.27 -13.57
CA GLU B 24 21.96 20.62 -14.85
C GLU B 24 21.20 19.31 -14.63
N ARG B 25 20.13 19.13 -15.40
CA ARG B 25 19.31 17.93 -15.31
C ARG B 25 19.52 16.97 -16.49
N LEU B 26 19.15 15.71 -16.31
CA LEU B 26 19.31 14.66 -17.32
C LEU B 26 18.01 14.46 -18.08
N THR B 27 18.14 14.08 -19.36
CA THR B 27 16.96 13.82 -20.21
C THR B 27 16.38 12.39 -20.08
N ARG B 28 15.55 12.18 -19.05
CA ARG B 28 14.82 10.93 -18.87
C ARG B 28 13.99 10.61 -20.12
N PRO B 29 13.92 9.33 -20.53
CA PRO B 29 14.59 8.23 -19.85
C PRO B 29 16.01 8.07 -20.40
N VAL B 30 16.96 7.93 -19.48
CA VAL B 30 18.38 7.91 -19.80
C VAL B 30 18.79 6.56 -20.39
N ARG B 31 19.74 6.59 -21.33
CA ARG B 31 20.17 5.41 -22.07
C ARG B 31 21.28 4.62 -21.38
N TYR B 32 22.32 5.33 -20.96
CA TYR B 32 23.57 4.71 -20.56
C TYR B 32 23.80 4.68 -19.06
N VAL B 33 24.54 3.67 -18.63
CA VAL B 33 24.99 3.52 -17.27
C VAL B 33 26.49 3.27 -17.34
N VAL B 34 27.29 4.22 -16.87
CA VAL B 34 28.73 4.06 -16.91
C VAL B 34 29.23 3.67 -15.53
N VAL B 35 29.81 2.50 -15.46
CA VAL B 35 30.31 1.97 -14.23
C VAL B 35 31.77 2.30 -14.17
N SER B 36 32.16 2.90 -13.04
CA SER B 36 33.52 3.34 -12.78
C SER B 36 33.96 2.71 -11.47
N HIS B 37 35.20 2.95 -11.07
CA HIS B 37 35.56 2.75 -9.68
C HIS B 37 36.23 4.00 -9.17
N THR B 38 35.87 4.43 -7.97
CA THR B 38 36.37 5.70 -7.42
C THR B 38 37.87 5.83 -7.65
N ALA B 39 38.55 4.69 -7.48
CA ALA B 39 40.01 4.55 -7.50
C ALA B 39 40.67 4.88 -6.16
N GLY B 40 39.87 5.37 -5.20
CA GLY B 40 40.37 5.68 -3.86
C GLY B 40 40.31 4.49 -2.90
N SER B 41 40.35 4.79 -1.60
CA SER B 41 40.26 3.80 -0.51
C SER B 41 39.00 2.93 -0.57
N HIS B 42 39.11 1.66 -0.16
CA HIS B 42 37.92 0.81 0.03
C HIS B 42 37.54 0.60 1.50
N CYS B 43 36.24 0.75 1.75
CA CYS B 43 35.58 0.52 3.03
C CYS B 43 34.76 -0.76 2.96
N ASP B 44 34.35 -1.32 4.09
CA ASP B 44 33.52 -2.52 4.03
C ASP B 44 32.47 -2.67 5.13
N THR B 45 32.20 -1.57 5.82
CA THR B 45 31.08 -1.48 6.78
C THR B 45 30.31 -0.18 6.51
N PRO B 46 29.02 -0.13 6.86
CA PRO B 46 28.29 1.10 6.56
C PRO B 46 28.93 2.34 7.17
N ALA B 47 29.52 2.21 8.37
CA ALA B 47 30.12 3.34 9.06
C ALA B 47 31.33 3.84 8.28
N SER B 48 32.25 2.92 7.98
CA SER B 48 33.43 3.20 7.19
C SER B 48 33.09 3.60 5.75
N CYS B 49 31.95 3.16 5.24
CA CYS B 49 31.54 3.48 3.88
C CYS B 49 30.85 4.84 3.74
N ALA B 50 30.28 5.34 4.82
CA ALA B 50 29.74 6.69 4.82
C ALA B 50 30.93 7.63 4.81
N GLN B 51 31.83 7.43 5.76
CA GLN B 51 33.09 8.18 5.81
C GLN B 51 33.83 8.18 4.46
N GLN B 52 33.57 7.18 3.62
CA GLN B 52 34.27 7.07 2.35
C GLN B 52 33.57 7.83 1.25
N ALA B 53 32.25 7.78 1.25
CA ALA B 53 31.46 8.52 0.27
C ALA B 53 31.71 9.99 0.50
N GLN B 54 31.72 10.35 1.79
CA GLN B 54 31.95 11.69 2.26
C GLN B 54 33.30 12.19 1.79
N ASN B 55 34.33 11.35 1.94
CA ASN B 55 35.68 11.70 1.53
C ASN B 55 35.76 11.98 0.05
N VAL B 56 34.98 11.27 -0.75
CA VAL B 56 35.08 11.49 -2.20
C VAL B 56 34.48 12.84 -2.56
N GLN B 57 33.27 13.11 -2.04
CA GLN B 57 32.60 14.38 -2.27
C GLN B 57 33.53 15.53 -1.93
N SER B 58 34.24 15.39 -0.80
CA SER B 58 35.16 16.40 -0.30
C SER B 58 36.13 16.76 -1.40
N TYR B 59 36.84 15.76 -1.91
CA TYR B 59 37.78 15.98 -2.99
C TYR B 59 37.11 16.59 -4.23
N HIS B 60 35.83 16.29 -4.44
CA HIS B 60 35.15 16.81 -5.62
C HIS B 60 34.69 18.21 -5.39
N VAL B 61 34.34 18.53 -4.16
CA VAL B 61 33.72 19.82 -3.82
C VAL B 61 34.77 20.81 -3.34
N ARG B 62 35.46 20.46 -2.27
CA ARG B 62 36.48 21.32 -1.73
C ARG B 62 37.57 21.49 -2.80
N ASN B 63 38.28 20.42 -3.13
CA ASN B 63 39.42 20.52 -4.04
C ASN B 63 39.15 20.77 -5.51
N LEU B 64 38.44 19.89 -6.18
CA LEU B 64 38.19 20.08 -7.60
C LEU B 64 37.18 21.18 -7.86
N GLY B 65 36.34 21.41 -6.86
CA GLY B 65 35.38 22.51 -6.85
C GLY B 65 34.21 22.27 -7.75
N TRP B 66 33.63 21.07 -7.69
CA TRP B 66 32.37 20.77 -8.40
C TRP B 66 31.15 21.03 -7.53
N CYS B 67 30.01 21.26 -8.16
CA CYS B 67 28.79 21.53 -7.39
C CYS B 67 28.37 20.37 -6.48
N ASP B 68 28.87 19.16 -6.75
CA ASP B 68 28.58 17.98 -5.94
C ASP B 68 29.53 16.83 -6.22
N VAL B 69 29.37 15.74 -5.49
CA VAL B 69 30.05 14.52 -5.83
C VAL B 69 29.79 14.21 -7.29
N GLY B 70 30.85 13.85 -8.00
CA GLY B 70 30.78 13.61 -9.43
C GLY B 70 29.70 12.66 -9.87
N TYR B 71 29.76 11.42 -9.38
CA TYR B 71 28.86 10.32 -9.75
C TYR B 71 27.45 10.47 -9.22
N ASN B 72 26.49 9.93 -9.96
CA ASN B 72 25.10 9.88 -9.50
C ASN B 72 24.97 9.00 -8.29
N PHE B 73 25.56 7.81 -8.36
CA PHE B 73 25.55 6.85 -7.26
C PHE B 73 26.90 6.16 -7.00
N LEU B 74 27.14 5.87 -5.72
CA LEU B 74 28.30 5.13 -5.30
C LEU B 74 27.79 3.84 -4.65
N ILE B 75 28.59 2.77 -4.76
CA ILE B 75 28.20 1.43 -4.28
C ILE B 75 29.25 1.01 -3.31
N GLY B 76 28.85 0.71 -2.08
CA GLY B 76 29.82 0.33 -1.04
C GLY B 76 30.03 -1.16 -0.96
N GLU B 77 31.22 -1.58 -0.51
CA GLU B 77 31.44 -3.02 -0.29
C GLU B 77 30.70 -3.51 0.95
N ASP B 78 30.26 -2.56 1.76
CA ASP B 78 29.26 -2.81 2.77
C ASP B 78 28.00 -3.32 2.07
N GLY B 79 27.99 -3.26 0.74
CA GLY B 79 26.83 -3.71 -0.04
C GLY B 79 25.60 -2.84 0.06
N LEU B 80 25.82 -1.53 0.02
CA LEU B 80 24.75 -0.55 0.12
C LEU B 80 25.02 0.56 -0.87
N VAL B 81 23.95 1.10 -1.44
CA VAL B 81 24.09 2.09 -2.49
C VAL B 81 24.02 3.48 -1.90
N TYR B 82 25.02 4.29 -2.20
CA TYR B 82 25.11 5.67 -1.72
C TYR B 82 24.74 6.63 -2.81
N GLU B 83 23.79 7.48 -2.48
CA GLU B 83 23.23 8.36 -3.46
C GLU B 83 24.04 9.64 -3.48
N GLY B 84 24.68 9.90 -4.61
CA GLY B 84 25.33 11.17 -4.82
C GLY B 84 24.38 12.11 -5.55
N ARG B 85 24.52 12.12 -6.86
CA ARG B 85 23.74 13.07 -7.63
C ARG B 85 22.32 12.56 -7.96
N GLY B 86 22.12 11.25 -7.74
CA GLY B 86 20.81 10.62 -7.93
C GLY B 86 20.39 10.49 -9.38
N TRP B 87 19.09 10.30 -9.60
CA TRP B 87 18.58 9.95 -10.92
C TRP B 87 18.44 11.12 -11.85
N ASN B 88 18.33 12.33 -11.31
CA ASN B 88 17.95 13.49 -12.13
C ASN B 88 19.08 14.46 -12.51
N ILE B 89 19.89 14.86 -11.55
CA ILE B 89 21.05 15.71 -11.80
C ILE B 89 22.12 15.04 -12.67
N LYS B 90 22.53 15.72 -13.74
CA LYS B 90 23.65 15.27 -14.59
C LYS B 90 24.93 15.01 -13.81
N GLY B 91 25.56 13.87 -14.07
CA GLY B 91 26.80 13.49 -13.39
C GLY B 91 28.05 14.15 -13.96
N ALA B 92 29.12 14.16 -13.17
CA ALA B 92 30.42 14.60 -13.65
C ALA B 92 31.38 13.45 -13.43
N HIS B 93 31.27 12.45 -14.29
CA HIS B 93 31.90 11.16 -14.01
C HIS B 93 32.37 10.43 -15.23
N ALA B 94 31.91 10.86 -16.41
CA ALA B 94 32.22 10.18 -17.68
C ALA B 94 32.48 11.18 -18.83
N GLY B 95 32.94 12.38 -18.47
CA GLY B 95 33.28 13.41 -19.46
C GLY B 95 32.07 14.10 -20.07
N PRO B 96 32.29 14.95 -21.08
CA PRO B 96 31.26 15.88 -21.53
C PRO B 96 30.47 15.39 -22.75
N THR B 97 30.89 14.29 -23.36
CA THR B 97 30.08 13.63 -24.40
C THR B 97 29.21 12.55 -23.78
N TRP B 98 29.57 12.13 -22.56
CA TRP B 98 28.88 11.05 -21.87
C TRP B 98 28.04 11.47 -20.64
N ASN B 99 28.57 12.43 -19.88
CA ASN B 99 27.90 12.95 -18.68
C ASN B 99 26.41 13.32 -18.87
N PRO B 100 26.03 13.88 -20.04
CA PRO B 100 24.60 14.19 -20.18
C PRO B 100 23.74 13.03 -20.66
N ILE B 101 24.32 11.83 -20.80
CA ILE B 101 23.57 10.69 -21.38
C ILE B 101 23.62 9.39 -20.55
N SER B 102 24.12 9.49 -19.32
CA SER B 102 24.38 8.30 -18.53
C SER B 102 24.29 8.54 -17.05
N ILE B 103 23.87 7.51 -16.34
CA ILE B 103 24.01 7.42 -14.90
C ILE B 103 25.40 6.89 -14.54
N GLY B 104 26.11 7.62 -13.70
CA GLY B 104 27.44 7.22 -13.30
C GLY B 104 27.40 6.58 -11.93
N ILE B 105 27.53 5.27 -11.91
CA ILE B 105 27.66 4.61 -10.65
C ILE B 105 29.14 4.27 -10.44
N SER B 106 29.60 4.29 -9.21
CA SER B 106 30.98 3.96 -8.95
C SER B 106 31.15 3.08 -7.74
N PHE B 107 32.14 2.19 -7.83
CA PHE B 107 32.47 1.29 -6.76
C PHE B 107 33.64 1.82 -5.94
N MET B 108 33.42 1.94 -4.64
CA MET B 108 34.40 2.50 -3.74
C MET B 108 35.57 1.56 -3.51
N GLY B 109 36.59 1.75 -4.35
CA GLY B 109 37.87 1.10 -4.16
C GLY B 109 38.62 0.85 -5.43
N ASN B 110 39.71 0.09 -5.30
CA ASN B 110 40.57 -0.22 -6.42
C ASN B 110 40.42 -1.68 -6.86
N TYR B 111 39.82 -1.86 -8.03
CA TYR B 111 39.42 -3.18 -8.48
C TYR B 111 40.29 -3.73 -9.61
N MET B 112 41.59 -3.46 -9.48
CA MET B 112 42.60 -3.98 -10.40
C MET B 112 43.01 -5.40 -10.04
N ASN B 113 43.22 -5.64 -8.74
CA ASN B 113 43.71 -6.94 -8.29
C ASN B 113 42.76 -7.57 -7.29
N ARG B 114 41.61 -6.91 -7.08
CA ARG B 114 40.47 -7.46 -6.32
C ARG B 114 39.20 -7.20 -7.11
N VAL B 115 38.13 -7.92 -6.75
CA VAL B 115 36.78 -7.57 -7.20
C VAL B 115 35.93 -7.09 -6.01
N PRO B 116 34.89 -6.30 -6.28
CA PRO B 116 33.88 -6.00 -5.27
C PRO B 116 33.06 -7.24 -4.89
N PRO B 117 32.80 -7.46 -3.58
CA PRO B 117 32.00 -8.60 -3.17
C PRO B 117 30.65 -8.66 -3.86
N PRO B 118 30.07 -9.87 -4.03
CA PRO B 118 28.78 -10.00 -4.71
C PRO B 118 27.75 -9.08 -4.09
N ARG B 119 27.92 -8.79 -2.81
CA ARG B 119 26.97 -8.00 -2.03
C ARG B 119 26.80 -6.59 -2.56
N ALA B 120 27.85 -6.07 -3.17
CA ALA B 120 27.81 -4.82 -3.89
C ALA B 120 27.34 -5.04 -5.31
N LEU B 121 27.85 -6.09 -5.96
CA LEU B 121 27.46 -6.42 -7.32
C LEU B 121 25.94 -6.56 -7.40
N ARG B 122 25.36 -7.24 -6.41
CA ARG B 122 23.91 -7.30 -6.22
C ARG B 122 23.27 -5.95 -6.04
N ALA B 123 23.81 -5.12 -5.14
CA ALA B 123 23.26 -3.80 -4.86
C ALA B 123 23.21 -2.95 -6.12
N ALA B 124 24.28 -3.04 -6.91
CA ALA B 124 24.45 -2.32 -8.16
C ALA B 124 23.42 -2.73 -9.19
N GLN B 125 23.33 -4.04 -9.43
CA GLN B 125 22.32 -4.67 -10.29
C GLN B 125 20.90 -4.22 -9.96
N ASN B 126 20.57 -4.28 -8.68
CA ASN B 126 19.29 -3.88 -8.20
C ASN B 126 19.09 -2.39 -8.44
N LEU B 127 20.13 -1.60 -8.25
CA LEU B 127 20.00 -0.16 -8.43
C LEU B 127 19.48 0.16 -9.81
N LEU B 128 19.99 -0.54 -10.82
CA LEU B 128 19.61 -0.31 -12.21
C LEU B 128 18.18 -0.70 -12.50
N ALA B 129 17.78 -1.86 -11.98
CA ALA B 129 16.40 -2.33 -12.11
C ALA B 129 15.43 -1.38 -11.40
N CYS B 130 15.83 -0.89 -10.22
CA CYS B 130 15.13 0.18 -9.51
C CYS B 130 15.09 1.45 -10.36
N GLY B 131 16.14 1.64 -11.15
CA GLY B 131 16.20 2.76 -12.08
C GLY B 131 15.06 2.72 -13.07
N VAL B 132 14.89 1.57 -13.70
CA VAL B 132 13.88 1.38 -14.73
C VAL B 132 12.50 1.66 -14.16
N ALA B 133 12.20 1.07 -12.99
CA ALA B 133 10.90 1.28 -12.34
C ALA B 133 10.58 2.78 -12.28
N LEU B 134 11.56 3.55 -11.82
CA LEU B 134 11.45 5.01 -11.72
C LEU B 134 11.23 5.70 -13.06
N GLY B 135 11.59 5.05 -14.15
CA GLY B 135 11.45 5.64 -15.48
C GLY B 135 12.56 6.63 -15.77
N ALA B 136 13.50 6.70 -14.84
CA ALA B 136 14.72 7.49 -14.96
C ALA B 136 15.72 6.77 -15.85
N LEU B 137 15.66 5.45 -15.83
CA LEU B 137 16.44 4.63 -16.75
C LEU B 137 15.54 3.95 -17.75
N ARG B 138 15.94 3.97 -19.02
CA ARG B 138 15.19 3.29 -20.06
C ARG B 138 15.49 1.78 -20.03
N SER B 139 14.43 0.97 -20.03
CA SER B 139 14.48 -0.47 -19.75
C SER B 139 15.51 -1.23 -20.57
N ASN B 140 15.71 -0.80 -21.81
CA ASN B 140 16.82 -1.28 -22.58
C ASN B 140 17.98 -0.32 -22.32
N TYR B 141 18.52 -0.39 -21.10
CA TYR B 141 19.71 0.39 -20.78
C TYR B 141 20.89 -0.42 -21.23
N GLU B 142 21.96 0.29 -21.57
CA GLU B 142 23.17 -0.31 -22.06
C GLU B 142 24.27 0.15 -21.14
N VAL B 143 25.10 -0.78 -20.70
CA VAL B 143 26.02 -0.51 -19.62
C VAL B 143 27.44 -0.53 -20.13
N LYS B 144 28.08 0.63 -20.12
CA LYS B 144 29.45 0.74 -20.58
C LYS B 144 30.40 0.75 -19.40
N GLY B 145 31.65 0.39 -19.65
CA GLY B 145 32.70 0.49 -18.64
C GLY B 145 33.47 1.79 -18.79
N HIS B 146 33.84 2.39 -17.66
CA HIS B 146 34.52 3.69 -17.66
C HIS B 146 35.65 3.77 -18.67
N ARG B 147 36.31 2.65 -18.92
CA ARG B 147 37.39 2.65 -19.90
C ARG B 147 36.87 2.60 -21.32
N ASP B 148 35.70 2.00 -21.52
CA ASP B 148 35.09 1.97 -22.84
C ASP B 148 34.93 3.36 -23.44
N VAL B 149 34.82 4.37 -22.58
CA VAL B 149 34.41 5.69 -23.04
C VAL B 149 35.41 6.81 -22.75
N GLN B 150 36.25 6.64 -21.73
CA GLN B 150 37.29 7.63 -21.45
C GLN B 150 38.64 6.96 -21.30
N PRO B 151 39.67 7.50 -21.97
CA PRO B 151 40.96 6.88 -21.72
C PRO B 151 41.21 6.85 -20.21
N THR B 152 41.17 5.65 -19.64
CA THR B 152 41.39 5.41 -18.21
C THR B 152 41.29 3.93 -17.83
N LEU B 153 41.81 3.58 -16.65
CA LEU B 153 41.84 2.21 -16.16
C LEU B 153 40.62 1.80 -15.32
N SER B 154 39.93 2.79 -14.76
CA SER B 154 38.67 2.58 -14.09
C SER B 154 37.72 1.78 -15.00
N PRO B 155 36.98 0.80 -14.46
CA PRO B 155 36.76 0.44 -13.05
C PRO B 155 37.63 -0.70 -12.52
N GLY B 156 38.90 -0.77 -12.96
CA GLY B 156 39.82 -1.84 -12.56
C GLY B 156 39.67 -3.11 -13.39
N ASP B 157 40.81 -3.72 -13.74
CA ASP B 157 40.81 -4.93 -14.57
C ASP B 157 39.79 -5.94 -14.06
N ARG B 158 39.98 -6.41 -12.83
CA ARG B 158 39.13 -7.46 -12.24
C ARG B 158 37.63 -7.12 -12.20
N LEU B 159 37.28 -5.86 -11.93
CA LEU B 159 35.87 -5.47 -11.95
C LEU B 159 35.34 -5.41 -13.37
N TYR B 160 36.14 -4.88 -14.28
CA TYR B 160 35.76 -4.73 -15.68
C TYR B 160 35.37 -6.05 -16.36
N GLU B 161 36.11 -7.13 -16.06
CA GLU B 161 35.83 -8.44 -16.64
C GLU B 161 34.48 -9.00 -16.20
N ILE B 162 34.03 -8.57 -15.02
CA ILE B 162 32.72 -8.95 -14.52
C ILE B 162 31.59 -8.20 -15.23
N ILE B 163 31.79 -6.92 -15.45
CA ILE B 163 30.81 -6.02 -16.07
C ILE B 163 30.33 -6.54 -17.42
N GLN B 164 31.26 -7.03 -18.22
CA GLN B 164 30.95 -7.51 -19.56
C GLN B 164 30.04 -8.74 -19.56
N THR B 165 30.02 -9.45 -18.44
CA THR B 165 29.20 -10.64 -18.29
C THR B 165 27.77 -10.30 -17.89
N TRP B 166 27.48 -9.02 -17.68
CA TRP B 166 26.11 -8.60 -17.36
C TRP B 166 25.26 -8.66 -18.59
N SER B 167 23.95 -8.73 -18.37
CA SER B 167 22.99 -8.92 -19.45
C SER B 167 22.95 -7.70 -20.38
N HIS B 168 22.72 -6.54 -19.78
CA HIS B 168 22.49 -5.33 -20.53
C HIS B 168 23.80 -4.66 -20.93
N TYR B 169 24.90 -5.34 -20.67
CA TYR B 169 26.20 -4.83 -21.07
C TYR B 169 26.36 -4.84 -22.59
N ARG B 170 26.71 -3.69 -23.15
CA ARG B 170 27.15 -3.57 -24.53
C ARG B 170 28.58 -3.08 -24.54
N ALA B 171 29.40 -3.64 -25.42
CA ALA B 171 30.82 -3.32 -25.44
C ALA B 171 31.15 -2.06 -26.27
N GLU C 1 -26.71 -19.85 32.23
CA GLU C 1 -25.90 -20.44 31.11
C GLU C 1 -26.81 -21.12 30.06
N ASP C 2 -27.93 -20.47 29.74
CA ASP C 2 -28.97 -21.06 28.87
C ASP C 2 -28.53 -21.15 27.41
N PRO C 3 -28.76 -22.35 26.77
CA PRO C 3 -28.52 -22.58 25.33
C PRO C 3 -29.75 -22.33 24.41
N PRO C 4 -29.95 -21.05 23.98
CA PRO C 4 -31.05 -20.72 23.08
C PRO C 4 -30.60 -20.70 21.62
N ALA C 5 -30.46 -21.89 21.03
CA ALA C 5 -30.28 -22.01 19.59
C ALA C 5 -31.34 -21.13 18.88
N CYS C 6 -30.90 -20.38 17.87
CA CYS C 6 -31.80 -19.49 17.12
C CYS C 6 -31.18 -19.28 15.72
N GLY C 7 -30.15 -20.09 15.46
CA GLY C 7 -29.43 -20.06 14.21
C GLY C 7 -30.12 -20.82 13.08
N SER C 8 -31.17 -20.21 12.52
CA SER C 8 -31.69 -20.62 11.21
C SER C 8 -30.93 -19.90 10.08
N ILE C 9 -29.60 -19.97 10.17
CA ILE C 9 -28.69 -19.31 9.26
C ILE C 9 -28.14 -20.35 8.32
N VAL C 10 -28.09 -20.03 7.03
CA VAL C 10 -27.42 -20.85 6.03
C VAL C 10 -25.92 -20.74 6.21
N PRO C 11 -25.26 -21.84 6.57
CA PRO C 11 -23.84 -21.77 6.86
C PRO C 11 -23.02 -21.50 5.63
N ARG C 12 -21.82 -20.98 5.82
CA ARG C 12 -20.89 -20.73 4.72
C ARG C 12 -20.87 -21.93 3.76
N ARG C 13 -20.52 -23.10 4.29
CA ARG C 13 -20.43 -24.30 3.47
C ARG C 13 -21.67 -24.48 2.56
N GLU C 14 -22.86 -24.30 3.13
CA GLU C 14 -24.09 -24.49 2.37
C GLU C 14 -24.17 -23.50 1.22
N TRP C 15 -23.86 -22.23 1.44
CA TRP C 15 -23.87 -21.31 0.30
C TRP C 15 -22.51 -21.33 -0.41
N ARG C 16 -21.66 -22.27 0.03
CA ARG C 16 -20.44 -22.68 -0.67
C ARG C 16 -19.46 -21.54 -0.81
N ALA C 17 -18.96 -21.04 0.32
CA ALA C 17 -18.10 -19.85 0.33
C ALA C 17 -16.65 -20.22 0.15
N LEU C 18 -15.86 -19.32 -0.42
CA LEU C 18 -14.41 -19.40 -0.28
C LEU C 18 -14.06 -19.22 1.18
N ALA C 19 -12.81 -19.48 1.56
CA ALA C 19 -12.37 -19.36 2.96
C ALA C 19 -12.11 -17.91 3.44
N SER C 20 -12.63 -17.55 4.60
CA SER C 20 -12.28 -16.26 5.15
C SER C 20 -10.80 -16.34 5.47
N GLU C 21 -10.04 -15.37 4.96
CA GLU C 21 -8.68 -15.14 5.45
C GLU C 21 -8.70 -14.03 6.49
N CYS C 22 -9.92 -13.63 6.89
CA CYS C 22 -10.12 -12.62 7.93
C CYS C 22 -9.86 -13.17 9.30
N ARG C 23 -9.13 -12.41 10.11
CA ARG C 23 -8.70 -12.88 11.41
C ARG C 23 -9.04 -12.00 12.59
N GLU C 24 -9.35 -10.72 12.36
CA GLU C 24 -9.55 -9.76 13.47
C GLU C 24 -10.97 -9.79 14.09
N ARG C 25 -11.03 -9.75 15.43
CA ARG C 25 -12.23 -10.13 16.18
C ARG C 25 -12.93 -8.99 16.86
N LEU C 26 -14.27 -9.00 16.78
CA LEU C 26 -15.11 -8.06 17.49
C LEU C 26 -15.25 -8.54 18.89
N THR C 27 -15.12 -7.62 19.83
CA THR C 27 -15.32 -7.92 21.23
C THR C 27 -16.81 -7.97 21.50
N ARG C 28 -17.28 -9.04 22.14
CA ARG C 28 -18.70 -9.15 22.47
C ARG C 28 -18.98 -8.83 23.96
N PRO C 29 -20.15 -8.19 24.25
CA PRO C 29 -21.27 -7.83 23.36
C PRO C 29 -21.05 -6.60 22.49
N VAL C 30 -21.37 -6.73 21.20
CA VAL C 30 -21.29 -5.65 20.25
C VAL C 30 -22.50 -4.74 20.48
N ARG C 31 -22.29 -3.42 20.48
CA ARG C 31 -23.32 -2.43 20.83
C ARG C 31 -24.18 -1.91 19.66
N TYR C 32 -23.68 -1.97 18.43
CA TYR C 32 -24.39 -1.41 17.27
C TYR C 32 -24.53 -2.41 16.13
N VAL C 33 -25.56 -2.19 15.31
CA VAL C 33 -25.81 -2.96 14.09
C VAL C 33 -26.01 -2.01 12.92
N VAL C 34 -25.32 -2.20 11.81
CA VAL C 34 -25.48 -1.31 10.67
C VAL C 34 -26.12 -1.99 9.46
N VAL C 35 -27.28 -1.51 9.05
CA VAL C 35 -28.02 -2.16 7.99
C VAL C 35 -27.71 -1.52 6.66
N SER C 36 -27.25 -2.36 5.74
CA SER C 36 -26.90 -2.00 4.38
C SER C 36 -27.61 -2.89 3.36
N HIS C 37 -27.94 -2.35 2.19
CA HIS C 37 -28.30 -3.24 1.09
C HIS C 37 -27.07 -3.49 0.28
N THR C 38 -27.13 -4.45 -0.64
CA THR C 38 -26.04 -4.71 -1.57
C THR C 38 -26.19 -3.81 -2.77
N ALA C 39 -27.43 -3.37 -2.98
CA ALA C 39 -27.82 -2.62 -4.17
C ALA C 39 -27.61 -3.41 -5.47
N GLY C 40 -27.33 -4.72 -5.32
CA GLY C 40 -27.29 -5.66 -6.45
C GLY C 40 -28.69 -6.02 -6.91
N SER C 41 -28.82 -7.10 -7.68
CA SER C 41 -30.16 -7.55 -8.05
C SER C 41 -30.61 -8.69 -7.12
N HIS C 42 -31.92 -8.76 -6.91
CA HIS C 42 -32.49 -9.65 -5.92
C HIS C 42 -32.56 -11.13 -6.30
N CYS C 43 -32.53 -11.95 -5.26
CA CYS C 43 -32.69 -13.39 -5.35
C CYS C 43 -33.90 -13.77 -4.48
N ASP C 44 -34.75 -14.66 -4.96
CA ASP C 44 -35.93 -15.05 -4.15
C ASP C 44 -36.00 -16.54 -3.80
N THR C 45 -34.90 -17.24 -4.00
CA THR C 45 -34.86 -18.68 -3.70
C THR C 45 -33.56 -19.06 -3.02
N PRO C 46 -33.61 -20.07 -2.14
CA PRO C 46 -32.40 -20.51 -1.48
C PRO C 46 -31.35 -20.81 -2.51
N ALA C 47 -31.80 -21.27 -3.68
CA ALA C 47 -30.92 -21.75 -4.74
C ALA C 47 -30.26 -20.61 -5.48
N SER C 48 -30.99 -19.50 -5.66
CA SER C 48 -30.44 -18.29 -6.29
C SER C 48 -29.66 -17.51 -5.26
N CYS C 49 -30.23 -17.32 -4.08
CA CYS C 49 -29.54 -16.64 -2.99
C CYS C 49 -28.22 -17.32 -2.59
N ALA C 50 -28.14 -18.62 -2.81
CA ALA C 50 -26.87 -19.30 -2.67
C ALA C 50 -25.87 -18.71 -3.68
N GLN C 51 -26.31 -18.58 -4.93
CA GLN C 51 -25.48 -18.02 -5.99
C GLN C 51 -25.23 -16.55 -5.67
N GLN C 52 -26.27 -15.87 -5.25
CA GLN C 52 -26.15 -14.46 -5.02
C GLN C 52 -25.07 -14.23 -4.00
N ALA C 53 -25.12 -14.95 -2.88
CA ALA C 53 -24.08 -14.77 -1.87
C ALA C 53 -22.72 -15.18 -2.40
N GLN C 54 -22.69 -16.16 -3.28
CA GLN C 54 -21.44 -16.60 -3.89
C GLN C 54 -20.77 -15.41 -4.55
N ASN C 55 -21.57 -14.66 -5.30
CA ASN C 55 -21.10 -13.52 -6.08
C ASN C 55 -20.70 -12.33 -5.24
N VAL C 56 -21.52 -11.99 -4.24
CA VAL C 56 -21.18 -10.87 -3.38
C VAL C 56 -19.84 -11.14 -2.70
N GLN C 57 -19.64 -12.33 -2.15
CA GLN C 57 -18.34 -12.73 -1.61
C GLN C 57 -17.23 -12.61 -2.67
N SER C 58 -17.56 -13.01 -3.91
CA SER C 58 -16.65 -12.96 -5.04
C SER C 58 -16.25 -11.55 -5.47
N TYR C 59 -17.22 -10.63 -5.50
CA TYR C 59 -16.91 -9.24 -5.82
C TYR C 59 -15.98 -8.61 -4.77
N HIS C 60 -16.10 -9.04 -3.52
CA HIS C 60 -15.27 -8.53 -2.44
C HIS C 60 -13.85 -9.10 -2.41
N VAL C 61 -13.73 -10.41 -2.67
CA VAL C 61 -12.43 -11.09 -2.62
C VAL C 61 -11.66 -10.95 -3.93
N ARG C 62 -12.35 -11.09 -5.06
CA ARG C 62 -11.67 -11.05 -6.38
C ARG C 62 -11.39 -9.64 -6.91
N ASN C 63 -12.42 -8.81 -7.02
CA ASN C 63 -12.19 -7.49 -7.57
C ASN C 63 -11.53 -6.59 -6.55
N LEU C 64 -11.93 -6.76 -5.29
CA LEU C 64 -11.52 -5.82 -4.26
C LEU C 64 -10.42 -6.39 -3.42
N GLY C 65 -10.23 -7.70 -3.48
CA GLY C 65 -9.13 -8.38 -2.78
C GLY C 65 -9.22 -8.36 -1.26
N TRP C 66 -10.44 -8.40 -0.76
CA TRP C 66 -10.71 -8.37 0.66
C TRP C 66 -10.54 -9.73 1.30
N CYS C 67 -10.25 -9.73 2.60
CA CYS C 67 -10.04 -10.99 3.32
C CYS C 67 -11.22 -11.91 2.99
N ASP C 68 -12.43 -11.38 3.09
CA ASP C 68 -13.64 -12.09 2.74
C ASP C 68 -14.83 -11.14 2.84
N VAL C 69 -15.95 -11.51 2.22
CA VAL C 69 -17.14 -10.68 2.14
C VAL C 69 -17.47 -9.73 3.29
N GLY C 70 -17.79 -8.50 2.93
CA GLY C 70 -17.79 -7.40 3.87
C GLY C 70 -18.67 -7.49 5.11
N TYR C 71 -19.74 -8.25 4.98
CA TYR C 71 -20.79 -8.26 5.96
C TYR C 71 -20.66 -9.40 6.95
N ASN C 72 -21.34 -9.28 8.09
CA ASN C 72 -21.29 -10.33 9.09
C ASN C 72 -22.37 -11.33 8.80
N PHE C 73 -23.37 -10.88 8.07
CA PHE C 73 -24.53 -11.67 7.69
C PHE C 73 -25.15 -11.07 6.43
N LEU C 74 -25.91 -11.88 5.69
CA LEU C 74 -26.68 -11.39 4.52
C LEU C 74 -28.10 -11.86 4.61
N ILE C 75 -29.04 -10.94 4.45
CA ILE C 75 -30.46 -11.33 4.40
C ILE C 75 -30.84 -11.54 2.94
N GLY C 76 -31.69 -12.53 2.68
CA GLY C 76 -32.12 -12.86 1.32
C GLY C 76 -33.59 -12.58 1.15
N GLU C 77 -34.04 -12.40 -0.09
CA GLU C 77 -35.48 -12.24 -0.33
C GLU C 77 -36.14 -13.62 -0.29
N ASP C 78 -35.31 -14.64 -0.18
CA ASP C 78 -35.76 -15.99 -0.02
C ASP C 78 -36.15 -16.26 1.43
N GLY C 79 -36.05 -15.24 2.28
CA GLY C 79 -36.34 -15.35 3.73
C GLY C 79 -35.28 -16.04 4.60
N LEU C 80 -34.14 -16.35 4.01
CA LEU C 80 -33.09 -17.02 4.71
C LEU C 80 -31.94 -16.08 4.95
N VAL C 81 -31.24 -16.31 6.06
CA VAL C 81 -30.09 -15.52 6.48
C VAL C 81 -28.78 -16.23 6.12
N TYR C 82 -27.82 -15.50 5.55
CA TYR C 82 -26.57 -16.13 5.10
C TYR C 82 -25.39 -15.79 6.00
N GLU C 83 -24.53 -16.77 6.25
CA GLU C 83 -23.41 -16.58 7.17
C GLU C 83 -22.38 -15.74 6.45
N GLY C 84 -22.20 -14.52 6.93
CA GLY C 84 -21.18 -13.64 6.39
C GLY C 84 -19.93 -13.96 7.16
N ARG C 85 -19.37 -12.97 7.84
CA ARG C 85 -18.25 -13.22 8.74
C ARG C 85 -18.72 -13.63 10.13
N GLY C 86 -20.00 -13.98 10.22
CA GLY C 86 -20.60 -14.40 11.46
C GLY C 86 -20.44 -13.37 12.58
N TRP C 87 -20.67 -13.84 13.80
CA TRP C 87 -20.88 -12.95 14.96
C TRP C 87 -19.59 -12.42 15.52
N ASN C 88 -18.49 -13.13 15.33
CA ASN C 88 -17.30 -12.83 16.09
C ASN C 88 -16.30 -11.99 15.36
N ILE C 89 -16.10 -12.28 14.07
CA ILE C 89 -15.09 -11.62 13.23
C ILE C 89 -15.55 -10.27 12.72
N LYS C 90 -14.75 -9.24 12.90
CA LYS C 90 -15.05 -7.87 12.46
C LYS C 90 -15.34 -7.79 10.97
N GLY C 91 -16.39 -7.10 10.59
CA GLY C 91 -16.71 -6.96 9.17
C GLY C 91 -15.89 -5.90 8.46
N ALA C 92 -16.23 -5.64 7.20
CA ALA C 92 -15.71 -4.50 6.44
C ALA C 92 -16.85 -3.90 5.65
N HIS C 93 -17.66 -3.09 6.32
CA HIS C 93 -18.99 -2.76 5.76
C HIS C 93 -19.48 -1.34 6.10
N ALA C 94 -18.75 -0.64 6.97
CA ALA C 94 -19.16 0.69 7.39
C ALA C 94 -17.97 1.59 7.72
N GLY C 95 -16.76 1.09 7.40
CA GLY C 95 -15.54 1.89 7.57
C GLY C 95 -15.03 2.06 9.00
N PRO C 96 -13.75 2.47 9.13
CA PRO C 96 -12.85 2.26 10.28
C PRO C 96 -13.42 2.48 11.69
N THR C 97 -14.46 3.28 11.80
CA THR C 97 -15.02 3.58 13.11
C THR C 97 -16.10 2.59 13.53
N TRP C 98 -17.05 2.32 12.65
CA TRP C 98 -18.15 1.44 13.02
C TRP C 98 -17.80 -0.04 12.82
N ASN C 99 -16.93 -0.31 11.86
CA ASN C 99 -16.49 -1.66 11.60
C ASN C 99 -16.14 -2.47 12.87
N PRO C 100 -15.32 -1.89 13.79
CA PRO C 100 -14.86 -2.68 14.96
C PRO C 100 -15.93 -2.84 16.02
N ILE C 101 -17.00 -2.04 15.96
CA ILE C 101 -18.03 -2.03 16.99
C ILE C 101 -19.44 -2.20 16.48
N SER C 102 -19.60 -2.96 15.41
CA SER C 102 -20.92 -3.19 14.84
C SER C 102 -21.00 -4.42 13.96
N ILE C 103 -22.20 -4.99 13.92
CA ILE C 103 -22.53 -6.10 13.05
C ILE C 103 -23.21 -5.51 11.84
N GLY C 104 -22.75 -5.89 10.67
CA GLY C 104 -23.22 -5.28 9.46
C GLY C 104 -24.05 -6.30 8.74
N ILE C 105 -25.35 -6.16 8.86
CA ILE C 105 -26.25 -7.05 8.16
C ILE C 105 -26.57 -6.38 6.83
N SER C 106 -26.71 -7.16 5.77
CA SER C 106 -26.94 -6.63 4.44
C SER C 106 -28.02 -7.36 3.64
N PHE C 107 -29.01 -6.60 3.17
CA PHE C 107 -30.06 -7.18 2.35
C PHE C 107 -29.64 -7.31 0.91
N MET C 108 -29.93 -8.46 0.31
CA MET C 108 -29.45 -8.76 -1.01
C MET C 108 -30.43 -8.29 -2.07
N GLY C 109 -30.07 -7.21 -2.75
CA GLY C 109 -30.96 -6.52 -3.69
C GLY C 109 -30.83 -5.00 -3.59
N ASN C 110 -31.76 -4.29 -4.22
CA ASN C 110 -31.73 -2.82 -4.26
C ASN C 110 -33.04 -2.10 -3.93
N TYR C 111 -32.99 -1.30 -2.87
CA TYR C 111 -34.22 -0.87 -2.22
C TYR C 111 -34.41 0.63 -2.19
N MET C 112 -34.00 1.26 -3.29
CA MET C 112 -34.39 2.63 -3.59
C MET C 112 -35.88 2.58 -3.95
N ASN C 113 -36.23 1.60 -4.78
CA ASN C 113 -37.60 1.45 -5.31
C ASN C 113 -38.26 0.07 -5.09
N ARG C 114 -37.84 -0.61 -4.02
CA ARG C 114 -38.52 -1.81 -3.51
C ARG C 114 -38.52 -1.74 -2.01
N VAL C 115 -39.31 -2.62 -1.41
CA VAL C 115 -39.17 -3.01 -0.01
C VAL C 115 -38.79 -4.47 0.00
N PRO C 116 -37.95 -4.87 0.95
CA PRO C 116 -37.68 -6.29 1.08
C PRO C 116 -38.95 -7.00 1.58
N PRO C 117 -39.28 -8.16 0.97
CA PRO C 117 -40.45 -8.97 1.33
C PRO C 117 -40.57 -9.18 2.84
N PRO C 118 -41.80 -9.23 3.36
CA PRO C 118 -41.99 -9.37 4.80
C PRO C 118 -41.08 -10.45 5.41
N ARG C 119 -40.93 -11.57 4.70
CA ARG C 119 -40.08 -12.67 5.14
C ARG C 119 -38.60 -12.28 5.27
N ALA C 120 -38.21 -11.21 4.58
CA ALA C 120 -36.84 -10.78 4.58
C ALA C 120 -36.61 -9.90 5.79
N LEU C 121 -37.64 -9.14 6.15
CA LEU C 121 -37.60 -8.39 7.38
C LEU C 121 -37.63 -9.36 8.55
N ARG C 122 -38.59 -10.28 8.52
CA ARG C 122 -38.66 -11.29 9.57
C ARG C 122 -37.32 -11.95 9.79
N ALA C 123 -36.66 -12.36 8.72
CA ALA C 123 -35.38 -13.03 8.86
C ALA C 123 -34.45 -12.09 9.59
N ALA C 124 -34.40 -10.85 9.12
CA ALA C 124 -33.51 -9.83 9.66
C ALA C 124 -33.77 -9.58 11.15
N GLN C 125 -34.97 -9.13 11.48
CA GLN C 125 -35.38 -8.84 12.84
C GLN C 125 -35.03 -9.97 13.81
N ASN C 126 -35.40 -11.18 13.43
CA ASN C 126 -35.26 -12.33 14.30
C ASN C 126 -33.78 -12.57 14.54
N LEU C 127 -33.01 -12.42 13.48
CA LEU C 127 -31.56 -12.61 13.51
C LEU C 127 -30.94 -11.85 14.65
N LEU C 128 -31.40 -10.63 14.84
CA LEU C 128 -30.91 -9.81 15.92
C LEU C 128 -31.35 -10.38 17.26
N ALA C 129 -32.63 -10.65 17.41
CA ALA C 129 -33.13 -11.37 18.57
C ALA C 129 -32.22 -12.53 18.97
N CYS C 130 -31.96 -13.38 17.99
CA CYS C 130 -30.96 -14.41 18.06
C CYS C 130 -29.58 -13.86 18.52
N GLY C 131 -29.18 -12.76 17.93
CA GLY C 131 -27.87 -12.20 18.21
C GLY C 131 -27.75 -11.82 19.66
N VAL C 132 -28.88 -11.45 20.25
CA VAL C 132 -28.90 -10.95 21.61
C VAL C 132 -28.99 -12.12 22.56
N ALA C 133 -29.66 -13.17 22.08
CA ALA C 133 -29.88 -14.35 22.88
C ALA C 133 -28.56 -15.02 23.19
N LEU C 134 -27.59 -14.90 22.30
CA LEU C 134 -26.28 -15.56 22.45
C LEU C 134 -25.32 -14.70 23.26
N GLY C 135 -25.55 -13.39 23.23
CA GLY C 135 -24.69 -12.43 23.90
C GLY C 135 -23.79 -11.75 22.89
N ALA C 136 -23.99 -12.07 21.62
CA ALA C 136 -23.25 -11.43 20.56
C ALA C 136 -23.54 -9.94 20.64
N LEU C 137 -24.83 -9.62 20.64
CA LEU C 137 -25.33 -8.25 20.72
C LEU C 137 -25.80 -7.93 22.13
N ARG C 138 -25.73 -6.65 22.47
CA ARG C 138 -26.30 -6.13 23.69
C ARG C 138 -27.81 -6.19 23.70
N SER C 139 -28.38 -6.54 24.85
CA SER C 139 -29.83 -6.39 25.08
C SER C 139 -30.31 -5.08 24.48
N ASN C 140 -29.54 -4.01 24.74
CA ASN C 140 -29.88 -2.66 24.30
C ASN C 140 -29.03 -2.16 23.15
N TYR C 141 -28.97 -2.90 22.06
CA TYR C 141 -28.19 -2.51 20.89
C TYR C 141 -28.92 -1.45 20.08
N GLU C 142 -28.19 -0.67 19.31
CA GLU C 142 -28.77 0.40 18.49
C GLU C 142 -28.51 0.13 17.02
N VAL C 143 -29.51 0.43 16.19
CA VAL C 143 -29.41 0.12 14.77
C VAL C 143 -29.21 1.38 13.93
N LYS C 144 -28.15 1.38 13.13
CA LYS C 144 -27.90 2.46 12.18
C LYS C 144 -28.26 2.05 10.75
N GLY C 145 -28.56 3.04 9.92
CA GLY C 145 -28.60 2.83 8.50
C GLY C 145 -27.22 3.02 7.90
N HIS C 146 -26.95 2.35 6.79
CA HIS C 146 -25.66 2.51 6.13
C HIS C 146 -25.35 3.98 5.79
N ARG C 147 -26.33 4.68 5.23
CA ARG C 147 -26.20 6.09 4.90
C ARG C 147 -25.98 6.96 6.15
N ASP C 148 -26.33 6.43 7.33
CA ASP C 148 -26.24 7.20 8.57
C ASP C 148 -24.81 7.39 9.06
N VAL C 149 -23.91 6.53 8.58
CA VAL C 149 -22.53 6.49 9.08
C VAL C 149 -21.49 6.48 7.99
N GLN C 150 -21.95 6.59 6.74
CA GLN C 150 -21.09 6.59 5.55
C GLN C 150 -21.90 7.17 4.39
N PRO C 151 -21.28 8.01 3.55
CA PRO C 151 -22.05 8.58 2.45
C PRO C 151 -22.37 7.49 1.45
N THR C 152 -23.65 7.16 1.33
CA THR C 152 -24.13 6.16 0.39
C THR C 152 -25.64 6.21 0.43
N LEU C 153 -26.26 5.62 -0.59
CA LEU C 153 -27.71 5.43 -0.65
C LEU C 153 -28.15 4.20 0.14
N SER C 154 -27.21 3.30 0.35
CA SER C 154 -27.40 2.12 1.17
C SER C 154 -27.92 2.55 2.54
N PRO C 155 -28.94 1.85 3.08
CA PRO C 155 -29.53 0.58 2.64
C PRO C 155 -30.68 0.66 1.64
N GLY C 156 -30.75 1.73 0.85
CA GLY C 156 -31.86 1.95 -0.09
C GLY C 156 -32.94 2.77 0.58
N ASP C 157 -33.68 3.57 -0.21
CA ASP C 157 -34.69 4.49 0.33
C ASP C 157 -35.81 3.76 1.08
N ARG C 158 -36.58 2.93 0.36
CA ARG C 158 -37.74 2.29 0.97
C ARG C 158 -37.35 1.42 2.17
N LEU C 159 -36.18 0.81 2.13
CA LEU C 159 -35.73 0.04 3.27
C LEU C 159 -35.23 0.95 4.41
N TYR C 160 -34.51 2.01 4.05
CA TYR C 160 -34.07 2.96 5.07
C TYR C 160 -35.32 3.40 5.80
N GLU C 161 -36.36 3.69 5.03
CA GLU C 161 -37.62 4.16 5.56
C GLU C 161 -38.05 3.23 6.68
N ILE C 162 -38.15 1.94 6.34
CA ILE C 162 -38.61 0.90 7.23
C ILE C 162 -37.77 0.73 8.49
N ILE C 163 -36.44 0.69 8.35
CA ILE C 163 -35.63 0.45 9.54
C ILE C 163 -35.61 1.62 10.50
N GLN C 164 -36.13 2.77 10.08
CA GLN C 164 -36.22 3.96 10.94
C GLN C 164 -37.37 3.82 11.90
N THR C 165 -38.36 3.02 11.49
CA THR C 165 -39.53 2.73 12.29
C THR C 165 -39.19 1.64 13.31
N TRP C 166 -38.15 0.84 13.02
CA TRP C 166 -37.70 -0.23 13.90
C TRP C 166 -37.43 0.25 15.31
N SER C 167 -37.60 -0.67 16.26
CA SER C 167 -37.52 -0.36 17.69
C SER C 167 -36.15 0.09 18.09
N HIS C 168 -35.15 -0.73 17.79
CA HIS C 168 -33.79 -0.47 18.28
C HIS C 168 -33.04 0.60 17.50
N TYR C 169 -33.61 1.05 16.37
CA TYR C 169 -33.02 2.12 15.57
C TYR C 169 -32.74 3.33 16.43
N ARG C 170 -31.66 4.04 16.09
CA ARG C 170 -31.28 5.26 16.76
C ARG C 170 -31.04 6.34 15.73
N ALA C 171 -31.67 7.49 15.97
CA ALA C 171 -31.35 8.78 15.32
C ALA C 171 -29.98 8.81 14.62
N GLU D 1 3.51 24.53 -18.87
CA GLU D 1 4.87 25.15 -18.87
C GLU D 1 5.19 25.94 -17.59
N ASP D 2 4.39 26.98 -17.32
CA ASP D 2 4.56 27.92 -16.19
C ASP D 2 4.05 27.38 -14.83
N PRO D 3 4.64 27.85 -13.70
CA PRO D 3 4.26 27.33 -12.35
C PRO D 3 2.73 27.10 -12.06
N PRO D 4 1.90 28.16 -11.92
CA PRO D 4 0.46 27.89 -11.64
C PRO D 4 -0.37 27.54 -12.90
N ALA D 5 0.10 26.59 -13.71
CA ALA D 5 -0.34 26.40 -15.10
C ALA D 5 -1.80 25.99 -15.36
N CYS D 6 -2.65 26.02 -14.32
CA CYS D 6 -3.88 25.23 -14.38
C CYS D 6 -5.08 25.58 -13.48
N GLY D 7 -6.22 24.99 -13.86
CA GLY D 7 -7.35 24.81 -12.98
C GLY D 7 -8.19 26.04 -12.84
N SER D 8 -9.44 25.94 -13.30
CA SER D 8 -10.45 26.91 -12.92
C SER D 8 -11.31 26.25 -11.84
N ILE D 9 -10.97 26.55 -10.60
CA ILE D 9 -11.60 25.89 -9.47
C ILE D 9 -12.40 26.90 -8.67
N VAL D 10 -13.65 26.53 -8.34
CA VAL D 10 -14.46 27.29 -7.40
C VAL D 10 -13.89 27.01 -6.03
N PRO D 11 -13.34 28.03 -5.37
CA PRO D 11 -12.80 27.77 -4.05
C PRO D 11 -13.92 27.58 -3.07
N ARG D 12 -13.57 27.22 -1.85
CA ARG D 12 -14.54 26.90 -0.81
C ARG D 12 -15.43 28.07 -0.49
N ARG D 13 -14.79 29.16 -0.05
CA ARG D 13 -15.49 30.38 0.32
C ARG D 13 -16.50 30.75 -0.73
N GLU D 14 -16.18 30.49 -1.98
CA GLU D 14 -17.09 30.84 -3.04
C GLU D 14 -18.36 30.02 -2.97
N TRP D 15 -18.25 28.69 -2.92
CA TRP D 15 -19.44 27.87 -2.71
C TRP D 15 -19.80 27.86 -1.22
N ARG D 16 -19.23 28.78 -0.45
CA ARG D 16 -19.64 29.01 0.96
C ARG D 16 -19.46 27.79 1.86
N ALA D 17 -18.43 26.98 1.65
CA ALA D 17 -18.19 25.82 2.50
C ALA D 17 -18.13 26.20 3.97
N LEU D 18 -18.33 25.22 4.84
CA LEU D 18 -17.99 25.34 6.24
C LEU D 18 -16.48 25.23 6.36
N ALA D 19 -15.92 25.62 7.50
CA ALA D 19 -14.45 25.52 7.72
C ALA D 19 -14.00 24.07 7.76
N SER D 20 -12.99 23.70 6.97
CA SER D 20 -12.47 22.32 7.02
C SER D 20 -11.70 22.10 8.31
N GLU D 21 -12.15 21.14 9.11
CA GLU D 21 -11.51 20.88 10.39
C GLU D 21 -10.37 19.86 10.30
N CYS D 22 -10.30 19.19 9.16
CA CYS D 22 -9.35 18.11 8.89
C CYS D 22 -7.88 18.54 8.96
N ARG D 23 -7.01 17.58 9.29
CA ARG D 23 -5.60 17.87 9.51
C ARG D 23 -4.73 16.90 8.74
N GLU D 24 -5.13 15.62 8.69
CA GLU D 24 -4.32 14.56 8.06
C GLU D 24 -4.06 14.85 6.60
N ARG D 25 -2.77 15.00 6.28
CA ARG D 25 -2.26 15.44 4.99
C ARG D 25 -1.88 14.28 4.10
N LEU D 26 -1.68 14.55 2.81
CA LEU D 26 -1.30 13.54 1.82
C LEU D 26 0.17 13.60 1.42
N THR D 27 0.67 12.55 0.77
CA THR D 27 2.03 12.57 0.27
C THR D 27 2.09 12.77 -1.23
N ARG D 28 2.65 13.91 -1.64
CA ARG D 28 2.82 14.20 -3.06
C ARG D 28 4.21 13.79 -3.54
N PRO D 29 4.31 13.28 -4.79
CA PRO D 29 3.15 13.18 -5.66
C PRO D 29 2.33 11.92 -5.41
N VAL D 30 1.00 12.11 -5.46
CA VAL D 30 0.00 11.06 -5.24
C VAL D 30 -0.07 10.21 -6.49
N ARG D 31 -0.22 8.90 -6.28
CA ARG D 31 -0.22 7.94 -7.37
C ARG D 31 -1.62 7.69 -7.86
N TYR D 32 -2.59 7.71 -6.96
CA TYR D 32 -3.91 7.21 -7.29
C TYR D 32 -4.97 8.28 -7.26
N VAL D 33 -5.94 8.15 -8.17
CA VAL D 33 -7.14 8.95 -8.13
C VAL D 33 -8.27 7.98 -8.22
N VAL D 34 -9.27 8.18 -7.39
CA VAL D 34 -10.49 7.36 -7.39
C VAL D 34 -11.62 8.24 -7.90
N VAL D 35 -12.33 7.81 -8.94
CA VAL D 35 -13.50 8.58 -9.38
C VAL D 35 -14.71 8.11 -8.62
N SER D 36 -15.36 9.02 -7.91
CA SER D 36 -16.67 8.71 -7.30
C SER D 36 -17.84 9.42 -7.99
N HIS D 37 -19.03 9.22 -7.46
CA HIS D 37 -20.20 9.97 -7.90
C HIS D 37 -21.20 10.04 -6.76
N THR D 38 -21.61 11.26 -6.41
CA THR D 38 -22.41 11.50 -5.21
C THR D 38 -23.67 10.64 -5.16
N ALA D 39 -24.12 10.21 -6.34
CA ALA D 39 -25.30 9.37 -6.49
C ALA D 39 -26.62 10.07 -6.13
N GLY D 40 -26.51 11.29 -5.60
CA GLY D 40 -27.67 12.13 -5.29
C GLY D 40 -28.09 13.04 -6.44
N SER D 41 -28.83 14.09 -6.08
CA SER D 41 -29.40 15.06 -7.05
C SER D 41 -28.27 15.75 -7.82
N HIS D 42 -28.52 16.08 -9.08
CA HIS D 42 -27.46 16.72 -9.89
C HIS D 42 -27.78 18.12 -10.42
N CYS D 43 -26.79 19.01 -10.33
CA CYS D 43 -26.92 20.43 -10.70
C CYS D 43 -26.45 20.74 -12.12
N ASP D 44 -26.77 21.94 -12.62
CA ASP D 44 -26.10 22.52 -13.82
C ASP D 44 -26.07 24.06 -13.99
N THR D 45 -25.85 24.76 -12.89
CA THR D 45 -25.60 26.17 -12.91
C THR D 45 -24.61 26.44 -11.81
N PRO D 46 -23.69 27.38 -12.04
CA PRO D 46 -22.80 27.76 -10.97
C PRO D 46 -23.56 27.89 -9.68
N ALA D 47 -24.82 28.31 -9.78
CA ALA D 47 -25.68 28.62 -8.61
C ALA D 47 -26.29 27.40 -7.88
N SER D 48 -26.79 26.46 -8.68
CA SER D 48 -27.36 25.22 -8.18
C SER D 48 -26.28 24.26 -7.70
N CYS D 49 -25.10 24.32 -8.34
CA CYS D 49 -24.00 23.44 -7.97
C CYS D 49 -23.34 23.90 -6.71
N ALA D 50 -23.14 25.20 -6.58
CA ALA D 50 -22.60 25.75 -5.36
C ALA D 50 -23.53 25.40 -4.18
N GLN D 51 -24.82 25.29 -4.46
CA GLN D 51 -25.76 24.72 -3.50
C GLN D 51 -25.47 23.22 -3.31
N GLN D 52 -25.66 22.45 -4.37
CA GLN D 52 -25.34 21.03 -4.35
C GLN D 52 -24.15 20.74 -3.46
N ALA D 53 -23.01 21.32 -3.80
CA ALA D 53 -21.76 21.03 -3.12
C ALA D 53 -21.89 21.21 -1.62
N GLN D 54 -22.55 22.31 -1.25
CA GLN D 54 -22.72 22.69 0.14
C GLN D 54 -23.63 21.74 0.95
N ASN D 55 -24.74 21.28 0.35
CA ASN D 55 -25.53 20.16 0.89
C ASN D 55 -24.61 19.01 1.28
N VAL D 56 -23.95 18.50 0.25
CA VAL D 56 -23.04 17.38 0.35
C VAL D 56 -22.08 17.57 1.51
N GLN D 57 -21.36 18.69 1.53
CA GLN D 57 -20.45 18.93 2.62
C GLN D 57 -21.19 18.80 3.95
N SER D 58 -22.33 19.48 4.06
CA SER D 58 -23.10 19.54 5.29
C SER D 58 -23.32 18.13 5.80
N TYR D 59 -23.88 17.28 4.91
CA TYR D 59 -24.17 15.88 5.18
C TYR D 59 -23.04 15.15 5.87
N HIS D 60 -21.84 15.26 5.28
CA HIS D 60 -20.65 14.52 5.73
C HIS D 60 -20.12 15.09 7.04
N VAL D 61 -20.36 16.38 7.24
CA VAL D 61 -19.90 17.06 8.43
C VAL D 61 -20.83 16.84 9.61
N ARG D 62 -22.09 17.22 9.42
CA ARG D 62 -23.13 17.17 10.45
C ARG D 62 -23.59 15.75 10.74
N ASN D 63 -24.16 15.08 9.76
CA ASN D 63 -24.75 13.79 10.03
C ASN D 63 -23.77 12.70 10.38
N LEU D 64 -22.66 12.65 9.64
CA LEU D 64 -21.68 11.58 9.80
C LEU D 64 -20.55 12.04 10.71
N GLY D 65 -20.58 13.31 11.08
CA GLY D 65 -19.61 13.85 12.06
C GLY D 65 -18.21 13.69 11.53
N TRP D 66 -17.93 14.40 10.43
CA TRP D 66 -16.61 14.36 9.80
C TRP D 66 -16.03 15.73 9.85
N CYS D 67 -14.78 15.83 9.44
CA CYS D 67 -14.04 17.07 9.60
C CYS D 67 -14.19 18.05 8.41
N ASP D 68 -14.59 17.51 7.26
CA ASP D 68 -14.92 18.31 6.08
C ASP D 68 -15.44 17.32 5.07
N VAL D 69 -15.96 17.82 3.97
CA VAL D 69 -16.50 16.99 2.92
C VAL D 69 -15.53 15.85 2.61
N GLY D 70 -16.12 14.69 2.32
CA GLY D 70 -15.35 13.48 2.12
C GLY D 70 -14.35 13.68 1.01
N TYR D 71 -14.87 14.05 -0.16
CA TYR D 71 -14.10 14.24 -1.36
C TYR D 71 -13.01 15.32 -1.30
N ASN D 72 -12.07 15.26 -2.23
CA ASN D 72 -11.12 16.33 -2.35
C ASN D 72 -11.65 17.34 -3.31
N PHE D 73 -12.44 16.86 -4.27
CA PHE D 73 -12.92 17.68 -5.37
C PHE D 73 -14.27 17.19 -5.91
N LEU D 74 -15.17 18.09 -6.22
CA LEU D 74 -16.40 17.69 -6.82
C LEU D 74 -16.51 18.37 -8.19
N ILE D 75 -16.92 17.62 -9.20
CA ILE D 75 -17.18 18.11 -10.54
C ILE D 75 -18.66 18.45 -10.65
N GLY D 76 -18.98 19.66 -11.09
CA GLY D 76 -20.35 20.05 -11.31
C GLY D 76 -20.65 19.78 -12.74
N GLU D 77 -21.93 19.90 -13.11
CA GLU D 77 -22.29 19.75 -14.53
C GLU D 77 -22.48 21.12 -15.16
N ASP D 78 -22.40 22.13 -14.30
CA ASP D 78 -22.25 23.50 -14.73
C ASP D 78 -20.97 23.59 -15.50
N GLY D 79 -20.06 22.65 -15.27
CA GLY D 79 -18.76 22.54 -15.95
C GLY D 79 -17.60 23.00 -15.06
N LEU D 80 -17.90 23.19 -13.78
CA LEU D 80 -16.95 23.76 -12.84
C LEU D 80 -16.42 22.76 -11.82
N VAL D 81 -15.24 23.03 -11.30
CA VAL D 81 -14.65 22.14 -10.33
C VAL D 81 -14.83 22.78 -8.97
N TYR D 82 -15.59 22.12 -8.10
CA TYR D 82 -15.85 22.65 -6.78
C TYR D 82 -14.82 22.06 -5.88
N GLU D 83 -14.12 22.91 -5.15
CA GLU D 83 -12.99 22.48 -4.32
C GLU D 83 -13.45 21.78 -3.06
N GLY D 84 -12.90 20.61 -2.78
CA GLY D 84 -13.28 19.84 -1.60
C GLY D 84 -12.18 19.93 -0.58
N ARG D 85 -11.55 18.80 -0.27
CA ARG D 85 -10.39 18.81 0.63
C ARG D 85 -9.09 19.22 -0.09
N GLY D 86 -9.14 19.27 -1.43
CA GLY D 86 -7.99 19.75 -2.18
C GLY D 86 -6.93 18.70 -2.39
N TRP D 87 -5.72 19.12 -2.77
CA TRP D 87 -4.66 18.23 -3.24
C TRP D 87 -3.81 17.66 -2.13
N ASN D 88 -3.88 18.24 -0.94
CA ASN D 88 -2.92 17.91 0.11
C ASN D 88 -3.49 17.28 1.37
N ILE D 89 -4.80 17.42 1.57
CA ILE D 89 -5.47 16.92 2.78
C ILE D 89 -6.09 15.57 2.42
N LYS D 90 -5.79 14.52 3.21
CA LYS D 90 -6.35 13.18 2.96
C LYS D 90 -7.88 13.16 2.95
N GLY D 91 -8.45 12.50 1.93
CA GLY D 91 -9.90 12.40 1.80
C GLY D 91 -10.54 11.34 2.67
N ALA D 92 -11.86 11.41 2.78
CA ALA D 92 -12.66 10.34 3.36
C ALA D 92 -13.69 9.89 2.32
N HIS D 93 -13.28 9.04 1.38
CA HIS D 93 -14.12 8.78 0.21
C HIS D 93 -14.06 7.38 -0.41
N ALA D 94 -13.08 6.57 0.01
CA ALA D 94 -12.83 5.24 -0.58
C ALA D 94 -12.04 4.23 0.28
N GLY D 95 -12.47 4.00 1.52
CA GLY D 95 -11.85 2.98 2.36
C GLY D 95 -10.47 3.36 2.88
N PRO D 96 -10.06 2.79 4.04
CA PRO D 96 -8.81 3.12 4.76
C PRO D 96 -7.54 2.76 4.02
N THR D 97 -7.73 1.95 2.97
CA THR D 97 -6.64 1.55 2.10
C THR D 97 -6.25 2.64 1.13
N TRP D 98 -7.23 3.25 0.47
CA TRP D 98 -6.96 4.22 -0.60
C TRP D 98 -6.98 5.72 -0.23
N ASN D 99 -7.64 6.06 0.87
CA ASN D 99 -7.76 7.47 1.23
C ASN D 99 -6.41 8.17 1.39
N PRO D 100 -5.43 7.51 2.05
CA PRO D 100 -4.10 8.14 2.18
C PRO D 100 -3.21 8.00 0.95
N ILE D 101 -3.64 7.22 -0.03
CA ILE D 101 -2.84 7.11 -1.23
C ILE D 101 -3.54 7.60 -2.49
N SER D 102 -4.72 8.18 -2.35
CA SER D 102 -5.46 8.76 -3.50
C SER D 102 -6.04 10.16 -3.33
N ILE D 103 -6.44 10.70 -4.46
CA ILE D 103 -7.20 11.95 -4.60
C ILE D 103 -8.60 11.47 -4.96
N GLY D 104 -9.61 12.05 -4.34
CA GLY D 104 -10.97 11.60 -4.53
C GLY D 104 -11.81 12.66 -5.17
N ILE D 105 -12.27 12.35 -6.38
CA ILE D 105 -13.09 13.28 -7.14
C ILE D 105 -14.47 12.69 -7.36
N SER D 106 -15.48 13.53 -7.14
CA SER D 106 -16.86 13.10 -7.19
C SER D 106 -17.66 13.88 -8.21
N PHE D 107 -18.24 13.20 -9.19
CA PHE D 107 -19.20 13.86 -10.07
C PHE D 107 -20.51 14.01 -9.31
N MET D 108 -21.03 15.22 -9.22
CA MET D 108 -22.20 15.49 -8.40
C MET D 108 -23.48 15.18 -9.16
N GLY D 109 -24.09 14.06 -8.78
CA GLY D 109 -25.23 13.52 -9.48
C GLY D 109 -25.12 12.02 -9.55
N ASN D 110 -25.95 11.39 -10.40
CA ASN D 110 -26.09 9.94 -10.47
C ASN D 110 -26.11 9.39 -11.88
N TYR D 111 -25.11 8.60 -12.23
CA TYR D 111 -24.79 8.32 -13.62
C TYR D 111 -24.89 6.86 -13.95
N MET D 112 -25.84 6.17 -13.34
CA MET D 112 -26.03 4.75 -13.63
C MET D 112 -26.67 4.58 -14.99
N ASN D 113 -27.72 5.38 -15.21
CA ASN D 113 -28.42 5.38 -16.47
C ASN D 113 -28.37 6.81 -17.05
N ARG D 114 -27.23 7.47 -16.86
CA ARG D 114 -26.93 8.74 -17.55
C ARG D 114 -25.41 9.08 -17.60
N VAL D 115 -25.01 9.94 -18.53
CA VAL D 115 -23.63 10.41 -18.59
C VAL D 115 -23.55 11.87 -18.15
N PRO D 116 -22.47 12.25 -17.44
CA PRO D 116 -22.23 13.66 -17.24
C PRO D 116 -21.98 14.32 -18.59
N PRO D 117 -22.26 15.62 -18.69
CA PRO D 117 -22.13 16.31 -19.95
C PRO D 117 -20.66 16.48 -20.35
N PRO D 118 -20.37 16.51 -21.68
CA PRO D 118 -19.07 16.81 -22.23
C PRO D 118 -18.18 17.65 -21.34
N ARG D 119 -18.66 18.82 -20.99
CA ARG D 119 -17.91 19.77 -20.17
C ARG D 119 -17.60 19.31 -18.75
N ALA D 120 -18.48 18.53 -18.13
CA ALA D 120 -18.21 18.01 -16.80
C ALA D 120 -16.97 17.16 -16.88
N LEU D 121 -16.94 16.29 -17.88
CA LEU D 121 -15.81 15.41 -18.16
C LEU D 121 -14.55 16.19 -18.46
N ARG D 122 -14.68 17.37 -19.07
CA ARG D 122 -13.51 18.17 -19.37
C ARG D 122 -12.95 18.73 -18.10
N ALA D 123 -13.83 19.31 -17.28
CA ALA D 123 -13.44 19.95 -16.04
C ALA D 123 -12.53 19.04 -15.27
N ALA D 124 -12.97 17.80 -15.13
CA ALA D 124 -12.28 16.77 -14.35
C ALA D 124 -10.93 16.34 -14.95
N GLN D 125 -10.92 15.98 -16.24
CA GLN D 125 -9.71 15.52 -16.90
C GLN D 125 -8.67 16.62 -16.89
N ASN D 126 -9.10 17.82 -17.23
CA ASN D 126 -8.31 19.03 -17.02
C ASN D 126 -7.78 19.16 -15.58
N LEU D 127 -8.66 18.99 -14.59
CA LEU D 127 -8.27 19.08 -13.16
C LEU D 127 -7.14 18.11 -12.83
N LEU D 128 -7.17 16.95 -13.48
CA LEU D 128 -6.15 15.95 -13.32
C LEU D 128 -4.85 16.38 -14.00
N ALA D 129 -4.95 16.89 -15.23
CA ALA D 129 -3.80 17.50 -15.86
C ALA D 129 -3.23 18.53 -14.90
N CYS D 130 -4.06 19.47 -14.48
CA CYS D 130 -3.66 20.44 -13.48
C CYS D 130 -2.89 19.80 -12.32
N GLY D 131 -3.39 18.67 -11.80
CA GLY D 131 -2.79 18.05 -10.62
C GLY D 131 -1.39 17.51 -10.78
N VAL D 132 -1.18 16.86 -11.92
CA VAL D 132 0.15 16.49 -12.39
C VAL D 132 1.02 17.73 -12.53
N ALA D 133 0.52 18.75 -13.24
CA ALA D 133 1.30 19.93 -13.51
C ALA D 133 1.87 20.55 -12.26
N LEU D 134 1.16 20.37 -11.15
CA LEU D 134 1.53 21.01 -9.89
C LEU D 134 2.30 20.07 -9.01
N GLY D 135 2.54 18.86 -9.50
CA GLY D 135 3.24 17.82 -8.76
C GLY D 135 2.42 17.20 -7.63
N ALA D 136 1.10 17.40 -7.67
CA ALA D 136 0.23 16.74 -6.73
C ALA D 136 0.06 15.31 -7.18
N LEU D 137 0.05 15.08 -8.49
CA LEU D 137 -0.12 13.73 -9.01
C LEU D 137 1.11 13.20 -9.73
N ARG D 138 1.43 11.92 -9.51
CA ARG D 138 2.53 11.32 -10.23
C ARG D 138 2.16 11.40 -11.68
N SER D 139 3.14 11.68 -12.52
CA SER D 139 2.92 11.87 -13.95
C SER D 139 2.11 10.74 -14.58
N ASN D 140 2.41 9.52 -14.16
CA ASN D 140 1.78 8.31 -14.67
C ASN D 140 0.66 7.78 -13.79
N TYR D 141 0.12 8.62 -12.92
CA TYR D 141 -0.92 8.28 -11.93
C TYR D 141 -1.98 7.38 -12.53
N GLU D 142 -2.62 6.56 -11.70
CA GLU D 142 -3.63 5.65 -12.18
C GLU D 142 -5.00 6.07 -11.70
N VAL D 143 -6.02 5.70 -12.43
CA VAL D 143 -7.38 6.08 -12.08
C VAL D 143 -8.20 4.84 -11.88
N LYS D 144 -8.93 4.80 -10.78
CA LYS D 144 -9.74 3.65 -10.47
C LYS D 144 -11.13 4.15 -10.30
N GLY D 145 -12.07 3.32 -10.71
CA GLY D 145 -13.47 3.56 -10.35
C GLY D 145 -13.67 3.38 -8.86
N HIS D 146 -14.75 3.95 -8.34
CA HIS D 146 -15.03 3.79 -6.93
C HIS D 146 -15.39 2.33 -6.66
N ARG D 147 -16.14 1.72 -7.57
CA ARG D 147 -16.54 0.31 -7.48
C ARG D 147 -15.34 -0.58 -7.66
N ASP D 148 -14.21 0.01 -8.05
CA ASP D 148 -13.00 -0.74 -8.26
C ASP D 148 -12.31 -1.03 -6.93
N VAL D 149 -12.57 -0.23 -5.89
CA VAL D 149 -11.98 -0.42 -4.56
C VAL D 149 -12.96 -0.46 -3.39
N GLN D 150 -14.25 -0.33 -3.69
CA GLN D 150 -15.24 -0.32 -2.63
C GLN D 150 -16.43 -1.09 -3.09
N PRO D 151 -17.12 -1.77 -2.15
CA PRO D 151 -18.36 -2.32 -2.62
C PRO D 151 -19.22 -1.10 -2.88
N THR D 152 -19.51 -0.88 -4.16
CA THR D 152 -20.37 0.22 -4.59
C THR D 152 -20.72 0.20 -6.06
N LEU D 153 -21.81 0.87 -6.38
CA LEU D 153 -22.16 1.18 -7.74
C LEU D 153 -21.39 2.38 -8.24
N SER D 154 -21.15 3.33 -7.34
CA SER D 154 -20.33 4.50 -7.62
C SER D 154 -19.13 4.08 -8.46
N PRO D 155 -18.82 4.83 -9.53
CA PRO D 155 -19.40 6.10 -9.91
C PRO D 155 -20.51 5.98 -10.95
N GLY D 156 -21.36 4.97 -10.82
CA GLY D 156 -22.46 4.80 -11.75
C GLY D 156 -21.98 4.04 -12.97
N ASP D 157 -22.90 3.33 -13.61
CA ASP D 157 -22.54 2.43 -14.71
C ASP D 157 -22.06 3.20 -15.90
N ARG D 158 -22.77 4.27 -16.23
CA ARG D 158 -22.41 5.04 -17.40
C ARG D 158 -21.08 5.70 -17.20
N LEU D 159 -20.96 6.52 -16.16
CA LEU D 159 -19.68 7.20 -15.92
C LEU D 159 -18.50 6.24 -15.84
N TYR D 160 -18.70 5.09 -15.22
CA TYR D 160 -17.66 4.10 -15.06
C TYR D 160 -17.19 3.71 -16.45
N GLU D 161 -18.13 3.28 -17.28
CA GLU D 161 -17.81 2.87 -18.64
C GLU D 161 -16.88 3.89 -19.33
N ILE D 162 -17.14 5.18 -19.07
CA ILE D 162 -16.37 6.30 -19.61
C ILE D 162 -14.96 6.41 -19.03
N ILE D 163 -14.81 6.28 -17.70
CA ILE D 163 -13.48 6.43 -17.09
C ILE D 163 -12.61 5.22 -17.44
N GLN D 164 -13.25 4.13 -17.79
CA GLN D 164 -12.56 2.93 -18.22
C GLN D 164 -11.88 3.13 -19.55
N THR D 165 -12.18 4.25 -20.21
CA THR D 165 -11.57 4.55 -21.50
C THR D 165 -10.30 5.34 -21.32
N TRP D 166 -10.23 6.07 -20.21
CA TRP D 166 -9.15 7.04 -19.95
C TRP D 166 -7.71 6.51 -19.98
N SER D 167 -6.80 7.40 -20.37
CA SER D 167 -5.37 7.10 -20.46
C SER D 167 -4.79 6.59 -19.16
N HIS D 168 -5.35 7.05 -18.07
CA HIS D 168 -4.81 6.70 -16.78
C HIS D 168 -5.52 5.63 -16.02
N TYR D 169 -6.64 5.20 -16.51
CA TYR D 169 -7.34 4.09 -15.88
C TYR D 169 -6.47 2.82 -15.95
N ARG D 170 -6.28 2.21 -14.78
CA ARG D 170 -5.55 0.96 -14.64
C ARG D 170 -6.33 -0.04 -13.78
N ALA D 171 -7.19 -0.83 -14.44
CA ALA D 171 -8.29 -1.61 -13.81
C ALA D 171 -8.11 -2.18 -12.40
O1 TLA E . -24.70 0.68 -2.96
O11 TLA E . -26.41 1.98 -3.44
C1 TLA E . -25.18 1.74 -3.43
C2 TLA E . -24.22 2.75 -4.00
O2 TLA E . -22.98 2.70 -3.25
C3 TLA E . -24.82 4.16 -3.99
O3 TLA E . -25.04 4.63 -2.65
C4 TLA E . -23.91 5.13 -4.72
O4 TLA E . -23.69 4.99 -5.94
O41 TLA E . -23.39 6.06 -4.07
C1 GOL F . -20.88 7.97 -2.97
O1 GOL F . -22.17 7.71 -2.54
C2 GOL F . -19.95 7.73 -1.82
O2 GOL F . -19.91 6.34 -1.69
C3 GOL F . -18.63 8.37 -2.22
O3 GOL F . -17.59 8.21 -1.30
C1 ISJ G . 9.64 2.10 -5.75
C2 ISJ G . 9.37 3.49 -5.16
C3 ISJ G . 8.57 4.43 -5.87
C4 ISJ G . 8.05 4.02 -7.22
C5 ISJ G . 8.20 2.79 -7.65
C6 ISJ G . 8.78 1.64 -6.96
C7 ISJ G . 8.24 5.75 -5.35
O8 ISJ G . 8.63 6.11 -4.37
O9 ISJ G . 7.45 6.52 -6.04
O10 ISJ G . 9.55 1.00 -7.89
O11 ISJ G . 9.69 1.14 -4.66
C12 ISJ G . 9.66 -0.23 -5.00
C13 ISJ G . 10.90 -1.07 -5.19
O14 ISJ G . 11.78 -0.62 -5.89
O15 ISJ G . 10.99 -2.24 -4.57
C16 ISJ G . 8.46 -0.87 -5.11
#